data_2R7V
#
_entry.id   2R7V
#
_cell.length_a   76.452
_cell.length_b   112.311
_cell.length_c   143.719
_cell.angle_alpha   90.000
_cell.angle_beta   90.000
_cell.angle_gamma   90.000
#
_symmetry.space_group_name_H-M   'P 21 21 21'
#
loop_
_entity.id
_entity.type
_entity.pdbx_description
1 polymer "RNA (5'-R(*G*GP*CP*UP*UP*U)-3')"
2 polymer 'RNA-dependent RNA polymerase'
#
loop_
_entity_poly.entity_id
_entity_poly.type
_entity_poly.pdbx_seq_one_letter_code
_entity_poly.pdbx_strand_id
1 'polyribonucleotide' GGCUUU X
2 'polypeptide(L)'
;MGKYNLILSEYLSFIYNSQSAVQIPIYYSSNSELENRCIEFHSKCLENSKNGLSLRKLFVEYNDVIENATLLSILSYSYD
KYNAVERKLVKYAKGKPLEADLTVNELDYENNKMTSELFPTAEEYTDSLMDPAILTSLSSNLNAVMFWLEKHENDVAEKL
KVYKRRLDLFTIVASTINKYGVPRHNAKYRYEYDVMKDKPYYLVTWANSSIEMLMSVFSHDDYLIAKELIVLSYSNRSTL
AKLVSSPMSILVALVDINGTFITNEELELEFSNKYVRAIVPDQTFDELNQMLDNMRKAGLVDIPKMIQDWLVDRSIEKFP
LMAKIYSWSFHVGFRKQKMLDAALDQLKTEYTENVDDEMYREYTMLIRDEVVKMLEEPVKHDDHLLRDSELAGLLSMSSA
SNGESRQLKFGRKTIFSTKKNMHVMDDMANERYTPGIIPPVNVDKPIPLGRRDVPGRRTRIIFILPYEYFIAQHAVVEKM
LIYAKHTREYAEFYSQSNQLLSYGDVTRFLSNNTMVLYTDVSQWDSSQHNTQPFRKGIIMGLDILANMTNDAKVLQTLNL
YKQTQINLMDSYVQIPDGNVIKKIQYGAVASGEKQTKAANSIANLALIKTVLSRISNKHSFATKIIRVDGDDNYAVLQFN
TEVTKQMIQDVSNDVRETYARMNAKVKALVSTVGIEIAKRYIAGGKIFFRAGINLLNNEKRGQSTQWDQAAILYSNYIVN
RLRGFETDREFILTKIMQMTSVAITGSLRLFPSERVLTTNSTFKVFDSEDFIIEYGTTVDEVYIQRAFMSLSSQKSGIAD
EIAASSTFKNYVTRLSEQLLFSKNNIVSRGIALTEKAKLNSYAPISLEKRRAQISALLTMLQKPVTFKSSKITINDILRD
IKPFFTVSDAHLPIQYQKFMPTLPDNVQYIIQCIGSRTYQIEDDGSKSAISRLISKYSVYKPSIEELYKVISLHENEIQL
YLISLGIPKIDADTYVGSKIYSRDKYRILESYVYNLLSINYGCYQLFDFNSPDLEKLIRIPFKGKIPAVTFILHLYAKLE
VINYAIKNGSWISLFCNYPKSEMIKLWKKMWNITSLRSPYTNANFFQEPHHHHHH
;
A
#
# COMPACT_ATOMS: atom_id res chain seq x y z
N GLY B 2 -26.68 5.08 -5.72
CA GLY B 2 -27.27 3.75 -6.03
C GLY B 2 -27.12 3.36 -7.49
N LYS B 3 -26.26 4.12 -8.20
CA LYS B 3 -26.01 3.91 -9.62
C LYS B 3 -25.21 2.68 -10.03
N TYR B 4 -24.55 2.04 -9.08
CA TYR B 4 -23.79 0.85 -9.44
C TYR B 4 -24.76 -0.23 -9.87
N ASN B 5 -25.88 -0.33 -9.17
CA ASN B 5 -26.89 -1.35 -9.49
C ASN B 5 -27.51 -1.16 -10.87
N LEU B 6 -27.77 0.08 -11.23
CA LEU B 6 -28.29 0.38 -12.56
C LEU B 6 -27.26 0.08 -13.65
N ILE B 7 -26.02 0.44 -13.37
CA ILE B 7 -24.88 0.27 -14.29
C ILE B 7 -24.60 -1.21 -14.54
N LEU B 8 -24.72 -2.03 -13.50
CA LEU B 8 -24.43 -3.45 -13.61
C LEU B 8 -25.38 -4.11 -14.61
N SER B 9 -26.66 -3.72 -14.57
CA SER B 9 -27.64 -4.29 -15.48
C SER B 9 -27.38 -3.96 -16.96
N GLU B 10 -26.97 -2.71 -17.22
CA GLU B 10 -26.69 -2.29 -18.60
C GLU B 10 -25.52 -3.11 -19.11
N TYR B 11 -24.54 -3.35 -18.23
CA TYR B 11 -23.40 -4.14 -18.63
C TYR B 11 -23.76 -5.61 -18.90
N LEU B 12 -24.60 -6.20 -18.07
CA LEU B 12 -24.97 -7.59 -18.30
C LEU B 12 -25.79 -7.70 -19.57
N SER B 13 -26.69 -6.73 -19.75
CA SER B 13 -27.54 -6.73 -20.92
C SER B 13 -26.66 -6.55 -22.14
N PHE B 14 -25.65 -5.69 -22.04
CA PHE B 14 -24.73 -5.50 -23.15
C PHE B 14 -23.88 -6.75 -23.44
N ILE B 15 -23.38 -7.39 -22.38
CA ILE B 15 -22.57 -8.59 -22.53
C ILE B 15 -23.26 -9.82 -23.08
N TYR B 16 -24.47 -10.06 -22.61
CA TYR B 16 -25.24 -11.22 -23.01
C TYR B 16 -26.53 -10.81 -23.72
N ASN B 17 -26.76 -11.35 -24.91
CA ASN B 17 -27.96 -11.06 -25.70
C ASN B 17 -28.42 -12.27 -26.52
N SER B 18 -29.49 -12.93 -26.08
CA SER B 18 -30.01 -14.11 -26.78
C SER B 18 -31.50 -14.30 -26.52
N VAL B 22 -30.96 -13.73 -20.02
CA VAL B 22 -31.90 -13.15 -19.06
C VAL B 22 -31.30 -12.78 -17.70
N GLN B 23 -31.96 -11.86 -17.00
CA GLN B 23 -31.51 -11.42 -15.68
C GLN B 23 -32.60 -11.59 -14.63
N ILE B 24 -32.22 -12.13 -13.47
CA ILE B 24 -33.16 -12.35 -12.38
C ILE B 24 -32.76 -11.59 -11.11
N PRO B 25 -33.31 -10.39 -10.90
CA PRO B 25 -33.01 -9.57 -9.72
C PRO B 25 -33.42 -10.30 -8.45
N ILE B 26 -32.50 -10.45 -7.50
CA ILE B 26 -32.85 -11.12 -6.25
C ILE B 26 -32.88 -10.10 -5.14
N TYR B 27 -34.03 -9.95 -4.49
CA TYR B 27 -34.16 -9.01 -3.38
C TYR B 27 -34.25 -9.69 -2.03
N TYR B 28 -34.32 -8.86 -0.98
CA TYR B 28 -34.46 -9.35 0.40
C TYR B 28 -34.90 -8.16 1.26
N SER B 29 -35.51 -8.48 2.39
CA SER B 29 -35.97 -7.45 3.32
C SER B 29 -35.89 -7.88 4.77
N SER B 30 -35.73 -6.90 5.64
CA SER B 30 -35.63 -7.16 7.06
C SER B 30 -37.05 -7.40 7.59
N ASN B 31 -38.04 -7.12 6.75
CA ASN B 31 -39.44 -7.31 7.11
C ASN B 31 -39.89 -8.68 6.59
N SER B 32 -40.63 -9.43 7.40
CA SER B 32 -41.08 -10.78 7.06
C SER B 32 -42.04 -10.90 5.88
N GLU B 33 -43.10 -10.10 5.91
CA GLU B 33 -44.07 -10.18 4.84
C GLU B 33 -43.44 -9.77 3.51
N LEU B 34 -42.59 -8.74 3.55
CA LEU B 34 -41.93 -8.23 2.34
C LEU B 34 -41.00 -9.26 1.73
N GLU B 35 -40.30 -9.99 2.59
CA GLU B 35 -39.34 -11.03 2.22
C GLU B 35 -40.03 -12.19 1.49
N ASN B 36 -41.22 -12.57 1.95
CA ASN B 36 -42.02 -13.63 1.35
C ASN B 36 -42.39 -13.18 -0.05
N ARG B 37 -42.69 -11.89 -0.16
CA ARG B 37 -43.02 -11.32 -1.46
C ARG B 37 -41.74 -11.47 -2.30
N CYS B 38 -40.58 -11.22 -1.69
CA CYS B 38 -39.34 -11.35 -2.41
C CYS B 38 -39.16 -12.80 -2.81
N ILE B 39 -39.48 -13.72 -1.91
CA ILE B 39 -39.31 -15.14 -2.22
C ILE B 39 -40.24 -15.55 -3.37
N GLU B 40 -41.46 -15.06 -3.33
CA GLU B 40 -42.45 -15.37 -4.34
C GLU B 40 -41.99 -14.82 -5.69
N PHE B 41 -41.46 -13.60 -5.68
CA PHE B 41 -41.03 -12.91 -6.90
C PHE B 41 -39.87 -13.61 -7.61
N HIS B 42 -38.93 -14.07 -6.81
CA HIS B 42 -37.77 -14.76 -7.32
C HIS B 42 -38.26 -16.03 -7.99
N SER B 43 -39.21 -16.72 -7.36
CA SER B 43 -39.69 -17.97 -7.92
C SER B 43 -40.42 -17.79 -9.24
N LYS B 44 -41.26 -16.78 -9.30
CA LYS B 44 -42.04 -16.53 -10.49
C LYS B 44 -41.13 -16.15 -11.65
N CYS B 45 -40.11 -15.35 -11.35
CA CYS B 45 -39.16 -14.94 -12.39
C CYS B 45 -38.40 -16.14 -12.94
N LEU B 46 -38.00 -17.06 -12.08
CA LEU B 46 -37.26 -18.21 -12.56
C LEU B 46 -38.16 -19.06 -13.43
N GLU B 47 -39.40 -19.24 -12.97
CA GLU B 47 -40.35 -20.06 -13.69
C GLU B 47 -40.68 -19.45 -15.04
N ASN B 48 -40.88 -18.12 -15.08
CA ASN B 48 -41.20 -17.43 -16.34
C ASN B 48 -40.03 -17.51 -17.29
N SER B 49 -38.83 -17.38 -16.76
CA SER B 49 -37.65 -17.48 -17.60
C SER B 49 -37.57 -18.91 -18.12
N LYS B 50 -37.85 -19.89 -17.26
CA LYS B 50 -37.82 -21.29 -17.66
C LYS B 50 -38.96 -21.60 -18.64
N ASN B 51 -39.60 -20.57 -19.18
CA ASN B 51 -40.69 -20.76 -20.12
C ASN B 51 -40.71 -19.65 -21.16
N GLY B 52 -39.58 -18.95 -21.29
CA GLY B 52 -39.45 -17.89 -22.25
C GLY B 52 -40.62 -16.92 -22.23
N LEU B 53 -41.09 -16.60 -21.04
CA LEU B 53 -42.21 -15.66 -20.85
C LEU B 53 -41.66 -14.34 -20.35
N SER B 54 -42.43 -13.29 -20.57
CA SER B 54 -42.04 -11.94 -20.18
C SER B 54 -42.13 -11.71 -18.67
N LEU B 55 -41.09 -11.08 -18.12
CA LEU B 55 -41.08 -10.79 -16.70
C LEU B 55 -41.66 -9.40 -16.44
N ARG B 56 -42.19 -8.77 -17.47
CA ARG B 56 -42.72 -7.41 -17.36
C ARG B 56 -43.91 -7.31 -16.41
N LYS B 57 -44.80 -8.27 -16.50
CA LYS B 57 -45.98 -8.29 -15.63
C LYS B 57 -45.59 -8.52 -14.16
N LEU B 58 -44.63 -9.40 -13.92
CA LEU B 58 -44.21 -9.72 -12.56
C LEU B 58 -43.63 -8.51 -11.88
N PHE B 59 -42.85 -7.72 -12.62
CA PHE B 59 -42.22 -6.52 -12.05
C PHE B 59 -43.33 -5.55 -11.61
N VAL B 60 -44.38 -5.43 -12.42
CA VAL B 60 -45.50 -4.58 -12.03
C VAL B 60 -46.21 -5.17 -10.81
N GLU B 61 -46.38 -6.49 -10.81
CA GLU B 61 -47.07 -7.20 -9.72
C GLU B 61 -46.35 -7.09 -8.38
N TYR B 62 -45.02 -7.21 -8.44
CA TYR B 62 -44.15 -7.11 -7.26
C TYR B 62 -43.41 -5.78 -7.29
N ASN B 63 -44.21 -4.75 -7.51
CA ASN B 63 -43.77 -3.36 -7.58
C ASN B 63 -43.21 -3.04 -6.21
N ASP B 64 -43.90 -3.57 -5.19
CA ASP B 64 -43.52 -3.32 -3.81
C ASP B 64 -42.13 -3.90 -3.56
N VAL B 65 -41.84 -5.08 -4.10
CA VAL B 65 -40.52 -5.61 -3.86
C VAL B 65 -39.46 -4.73 -4.50
N ILE B 66 -39.71 -4.26 -5.72
CA ILE B 66 -38.71 -3.43 -6.40
C ILE B 66 -38.49 -2.08 -5.68
N GLU B 67 -39.60 -1.48 -5.25
CA GLU B 67 -39.61 -0.21 -4.53
C GLU B 67 -39.00 -0.13 -3.12
N ASN B 68 -39.26 -1.14 -2.30
CA ASN B 68 -38.82 -1.11 -0.90
C ASN B 68 -37.82 -2.15 -0.41
N ALA B 69 -37.82 -3.32 -1.04
CA ALA B 69 -36.88 -4.36 -0.63
C ALA B 69 -35.51 -3.89 -1.04
N THR B 70 -34.49 -4.63 -0.65
CA THR B 70 -33.13 -4.25 -1.00
C THR B 70 -32.53 -5.21 -2.04
N LEU B 71 -32.07 -4.69 -3.16
CA LEU B 71 -31.46 -5.58 -4.15
C LEU B 71 -30.26 -6.23 -3.51
N LEU B 72 -30.19 -7.55 -3.62
CA LEU B 72 -29.11 -8.33 -3.04
C LEU B 72 -28.12 -8.78 -4.11
N SER B 73 -28.66 -9.10 -5.28
CA SER B 73 -27.82 -9.55 -6.39
C SER B 73 -28.64 -9.65 -7.66
N ILE B 74 -27.97 -10.05 -8.74
CA ILE B 74 -28.62 -10.22 -10.04
C ILE B 74 -28.17 -11.53 -10.65
N LEU B 75 -29.16 -12.36 -11.02
CA LEU B 75 -28.89 -13.65 -11.66
C LEU B 75 -28.63 -13.43 -13.14
N SER B 76 -27.67 -14.18 -13.68
CA SER B 76 -27.33 -14.07 -15.09
C SER B 76 -27.34 -15.42 -15.77
N TYR B 77 -28.40 -15.69 -16.53
CA TYR B 77 -28.55 -16.94 -17.30
C TYR B 77 -28.14 -16.61 -18.72
N SER B 78 -26.91 -16.99 -19.07
CA SER B 78 -26.42 -16.69 -20.40
C SER B 78 -25.95 -17.93 -21.13
N TYR B 79 -26.68 -18.29 -22.19
CA TYR B 79 -26.30 -19.45 -22.97
C TYR B 79 -25.57 -19.09 -24.25
N ASP B 80 -24.33 -18.69 -24.07
CA ASP B 80 -23.41 -18.33 -25.13
C ASP B 80 -22.22 -19.19 -24.73
N LYS B 81 -21.04 -18.90 -25.25
CA LYS B 81 -19.86 -19.68 -24.88
C LYS B 81 -18.67 -18.75 -24.72
N TYR B 82 -18.76 -17.89 -23.69
CA TYR B 82 -17.74 -16.88 -23.37
C TYR B 82 -17.00 -16.31 -24.60
N ASN B 83 -17.74 -16.18 -25.71
CA ASN B 83 -17.22 -15.62 -26.96
C ASN B 83 -17.50 -14.12 -26.94
N ALA B 84 -18.21 -13.64 -27.95
CA ALA B 84 -18.59 -12.23 -28.06
C ALA B 84 -17.43 -11.24 -28.14
N VAL B 85 -16.35 -11.51 -27.41
CA VAL B 85 -15.18 -10.64 -27.41
C VAL B 85 -14.56 -10.61 -28.78
N GLU B 86 -14.48 -11.78 -29.41
CA GLU B 86 -13.88 -11.84 -30.74
C GLU B 86 -14.78 -11.06 -31.71
N ARG B 87 -16.09 -11.27 -31.58
CA ARG B 87 -17.07 -10.60 -32.44
C ARG B 87 -17.13 -9.08 -32.26
N LYS B 88 -17.11 -8.65 -31.00
CA LYS B 88 -17.20 -7.25 -30.55
C LYS B 88 -16.07 -6.35 -31.00
N LEU B 89 -14.86 -6.91 -30.97
CA LEU B 89 -13.58 -6.29 -31.26
C LEU B 89 -13.38 -5.77 -32.69
N VAL B 90 -13.89 -6.49 -33.68
CA VAL B 90 -13.67 -6.21 -35.10
C VAL B 90 -14.22 -4.84 -35.50
N LYS B 91 -15.36 -4.42 -34.97
CA LYS B 91 -15.91 -3.14 -35.40
C LYS B 91 -14.92 -2.05 -35.00
N TYR B 92 -14.29 -2.16 -33.84
CA TYR B 92 -13.29 -1.16 -33.42
C TYR B 92 -11.90 -1.36 -34.05
N ALA B 93 -11.67 -2.51 -34.68
CA ALA B 93 -10.38 -2.84 -35.30
C ALA B 93 -10.20 -2.45 -36.76
N LYS B 94 -10.30 -1.16 -37.06
CA LYS B 94 -10.15 -0.71 -38.43
C LYS B 94 -8.80 -0.06 -38.73
N GLY B 95 -8.13 0.43 -37.70
CA GLY B 95 -6.82 1.05 -37.90
C GLY B 95 -5.74 0.05 -38.27
N LYS B 96 -4.58 0.55 -38.64
CA LYS B 96 -3.46 -0.31 -39.01
C LYS B 96 -2.76 -0.86 -37.78
N PRO B 97 -2.53 -2.18 -37.73
CA PRO B 97 -1.86 -2.78 -36.56
C PRO B 97 -0.50 -2.13 -36.33
N LEU B 98 0.00 -2.24 -35.12
CA LEU B 98 1.29 -1.66 -34.81
C LEU B 98 2.35 -2.69 -35.10
N GLU B 99 3.53 -2.23 -35.51
CA GLU B 99 4.62 -3.15 -35.83
C GLU B 99 5.75 -2.90 -34.84
N ALA B 100 6.06 -3.92 -34.07
CA ALA B 100 7.10 -3.83 -33.07
C ALA B 100 8.43 -3.54 -33.70
N ASP B 101 9.08 -2.50 -33.23
CA ASP B 101 10.39 -2.13 -33.72
C ASP B 101 11.38 -2.92 -32.86
N LEU B 102 11.71 -4.13 -33.31
CA LEU B 102 12.62 -4.98 -32.58
C LEU B 102 14.06 -4.48 -32.42
N THR B 103 14.29 -3.19 -32.61
CA THR B 103 15.64 -2.66 -32.47
C THR B 103 15.83 -1.75 -31.24
N VAL B 104 14.73 -1.39 -30.59
CA VAL B 104 14.79 -0.46 -29.48
C VAL B 104 15.37 -0.89 -28.12
N ASN B 105 15.17 -2.15 -27.74
CA ASN B 105 15.66 -2.64 -26.45
C ASN B 105 16.99 -3.39 -26.50
N GLU B 106 17.85 -3.13 -25.50
CA GLU B 106 19.15 -3.82 -25.41
C GLU B 106 18.89 -5.32 -25.32
N LEU B 107 18.69 -5.83 -24.11
CA LEU B 107 18.44 -7.25 -23.95
C LEU B 107 17.36 -7.70 -24.96
N ASP B 108 17.76 -8.62 -25.83
CA ASP B 108 16.89 -9.13 -26.88
C ASP B 108 15.51 -9.55 -26.47
N TYR B 109 15.39 -10.18 -25.31
CA TYR B 109 14.07 -10.65 -24.87
C TYR B 109 13.14 -9.51 -24.42
N GLU B 110 13.67 -8.30 -24.34
CA GLU B 110 12.86 -7.14 -23.97
C GLU B 110 12.19 -6.53 -25.21
N ASN B 111 12.49 -7.09 -26.38
CA ASN B 111 11.89 -6.60 -27.62
C ASN B 111 10.64 -7.45 -27.87
N ASN B 112 9.58 -6.83 -28.38
CA ASN B 112 8.32 -7.50 -28.62
C ASN B 112 8.35 -8.53 -29.77
N LYS B 113 9.32 -9.44 -29.75
CA LYS B 113 9.45 -10.46 -30.81
C LYS B 113 8.26 -11.39 -30.69
N MET B 114 8.06 -12.27 -31.68
CA MET B 114 6.97 -13.24 -31.60
C MET B 114 7.41 -14.18 -30.49
N THR B 115 6.45 -14.58 -29.65
CA THR B 115 6.74 -15.46 -28.53
C THR B 115 7.65 -16.62 -28.89
N SER B 116 7.28 -17.34 -29.96
CA SER B 116 8.05 -18.51 -30.46
C SER B 116 9.52 -18.18 -30.63
N GLU B 117 9.81 -17.04 -31.26
CA GLU B 117 11.18 -16.57 -31.51
C GLU B 117 12.01 -16.34 -30.24
N LEU B 118 11.36 -16.38 -29.08
CA LEU B 118 12.06 -16.20 -27.81
C LEU B 118 12.09 -17.55 -27.11
N PHE B 119 11.07 -18.36 -27.36
CA PHE B 119 10.91 -19.69 -26.77
C PHE B 119 10.38 -20.63 -27.85
N PRO B 120 11.30 -21.14 -28.70
CA PRO B 120 10.96 -22.05 -29.80
C PRO B 120 10.21 -23.30 -29.37
N THR B 121 10.23 -23.60 -28.07
CA THR B 121 9.52 -24.77 -27.56
C THR B 121 8.70 -24.51 -26.33
N ALA B 122 7.69 -25.35 -26.16
CA ALA B 122 6.78 -25.26 -25.03
C ALA B 122 7.51 -25.43 -23.69
N GLU B 123 8.67 -26.08 -23.70
CA GLU B 123 9.40 -26.31 -22.46
C GLU B 123 10.37 -25.19 -22.13
N GLU B 124 10.59 -24.31 -23.09
CA GLU B 124 11.51 -23.18 -22.89
C GLU B 124 10.70 -21.93 -22.53
N TYR B 125 9.39 -22.02 -22.75
CA TYR B 125 8.46 -20.94 -22.47
C TYR B 125 8.31 -20.58 -21.00
N THR B 126 7.96 -19.32 -20.78
CA THR B 126 7.79 -18.74 -19.46
C THR B 126 7.05 -17.41 -19.59
N ASP B 127 6.09 -17.17 -18.71
CA ASP B 127 5.38 -15.90 -18.72
C ASP B 127 6.03 -14.97 -17.69
N SER B 128 7.04 -15.47 -16.98
CA SER B 128 7.75 -14.71 -15.98
C SER B 128 8.21 -13.29 -16.42
N LEU B 129 8.06 -12.96 -17.69
CA LEU B 129 8.50 -11.66 -18.13
C LEU B 129 7.36 -10.81 -18.67
N MET B 130 6.14 -11.33 -18.61
CA MET B 130 4.99 -10.57 -19.12
C MET B 130 3.70 -10.80 -18.31
N ASP B 131 3.73 -11.80 -17.44
CA ASP B 131 2.59 -12.15 -16.61
C ASP B 131 1.95 -10.91 -15.98
N PRO B 132 0.66 -10.67 -16.26
CA PRO B 132 0.01 -9.50 -15.65
C PRO B 132 -0.10 -9.80 -14.17
N ALA B 133 -0.20 -11.09 -13.85
CA ALA B 133 -0.30 -11.56 -12.48
C ALA B 133 -1.52 -11.02 -11.75
N ILE B 134 -2.63 -10.85 -12.45
CA ILE B 134 -3.81 -10.29 -11.81
C ILE B 134 -5.01 -11.16 -12.10
N LEU B 135 -5.88 -11.32 -11.12
CA LEU B 135 -7.04 -12.18 -11.28
C LEU B 135 -8.17 -11.64 -12.12
N THR B 136 -7.83 -11.00 -13.23
CA THR B 136 -8.84 -10.50 -14.18
C THR B 136 -8.24 -10.67 -15.56
N SER B 137 -9.06 -11.03 -16.53
CA SER B 137 -8.59 -11.28 -17.89
C SER B 137 -8.49 -10.11 -18.88
N LEU B 138 -7.70 -10.29 -19.92
CA LEU B 138 -7.54 -9.32 -20.99
C LEU B 138 -8.88 -9.21 -21.69
N SER B 139 -9.52 -10.36 -21.85
CA SER B 139 -10.79 -10.42 -22.55
C SER B 139 -11.83 -9.60 -21.78
N SER B 140 -11.82 -9.70 -20.46
CA SER B 140 -12.76 -8.91 -19.66
C SER B 140 -12.45 -7.40 -19.78
N ASN B 141 -11.15 -7.05 -19.81
CA ASN B 141 -10.74 -5.64 -19.89
C ASN B 141 -11.22 -5.07 -21.22
N LEU B 142 -11.14 -5.86 -22.29
CA LEU B 142 -11.58 -5.41 -23.59
C LEU B 142 -13.09 -5.21 -23.55
N ASN B 143 -13.77 -6.14 -22.91
CA ASN B 143 -15.22 -6.05 -22.84
C ASN B 143 -15.63 -4.79 -22.08
N ALA B 144 -14.91 -4.48 -21.02
CA ALA B 144 -15.21 -3.31 -20.21
C ALA B 144 -15.03 -2.02 -21.01
N VAL B 145 -13.97 -1.93 -21.80
CA VAL B 145 -13.72 -0.73 -22.61
C VAL B 145 -14.75 -0.53 -23.70
N MET B 146 -15.15 -1.62 -24.35
CA MET B 146 -16.16 -1.57 -25.39
C MET B 146 -17.52 -1.17 -24.86
N PHE B 147 -17.83 -1.69 -23.68
CA PHE B 147 -19.11 -1.41 -23.02
C PHE B 147 -19.18 0.10 -22.71
N TRP B 148 -18.07 0.66 -22.28
CA TRP B 148 -18.04 2.09 -21.99
C TRP B 148 -18.22 2.93 -23.22
N LEU B 149 -17.60 2.50 -24.31
CA LEU B 149 -17.67 3.23 -25.58
C LEU B 149 -19.09 3.26 -26.09
N GLU B 150 -19.80 2.15 -25.94
CA GLU B 150 -21.18 2.07 -26.40
C GLU B 150 -22.06 3.02 -25.61
N LYS B 151 -21.84 3.07 -24.30
CA LYS B 151 -22.62 3.94 -23.45
C LYS B 151 -22.40 5.42 -23.73
N HIS B 152 -21.16 5.80 -23.99
CA HIS B 152 -20.88 7.19 -24.31
C HIS B 152 -20.73 7.43 -25.80
N GLU B 153 -21.50 6.69 -26.60
CA GLU B 153 -21.46 6.82 -28.06
C GLU B 153 -22.28 8.06 -28.48
N ASN B 154 -23.43 8.27 -27.83
CA ASN B 154 -24.31 9.40 -28.14
C ASN B 154 -24.17 10.56 -27.16
N ASP B 155 -22.95 10.85 -26.75
CA ASP B 155 -22.73 11.95 -25.83
C ASP B 155 -22.57 13.22 -26.64
N VAL B 156 -22.49 14.37 -25.97
CA VAL B 156 -22.37 15.65 -26.68
C VAL B 156 -21.31 16.55 -26.06
N ALA B 157 -21.03 17.68 -26.72
CA ALA B 157 -20.05 18.66 -26.27
C ALA B 157 -18.75 18.03 -25.83
N GLU B 158 -18.24 18.46 -24.67
CA GLU B 158 -16.97 17.96 -24.15
C GLU B 158 -16.94 16.48 -23.80
N LYS B 159 -18.08 15.94 -23.39
CA LYS B 159 -18.15 14.54 -23.04
C LYS B 159 -17.84 13.72 -24.28
N LEU B 160 -18.35 14.18 -25.43
CA LEU B 160 -18.15 13.51 -26.72
C LEU B 160 -16.68 13.52 -27.08
N LYS B 161 -16.01 14.62 -26.81
CA LYS B 161 -14.60 14.81 -27.13
C LYS B 161 -13.82 13.76 -26.33
N VAL B 162 -14.24 13.53 -25.10
CA VAL B 162 -13.59 12.52 -24.26
C VAL B 162 -13.81 11.17 -24.91
N TYR B 163 -14.99 10.93 -25.44
CA TYR B 163 -15.29 9.65 -26.10
C TYR B 163 -14.44 9.52 -27.36
N LYS B 164 -14.35 10.62 -28.09
CA LYS B 164 -13.62 10.63 -29.33
C LYS B 164 -12.13 10.40 -29.11
N ARG B 165 -11.55 11.03 -28.10
CA ARG B 165 -10.11 10.85 -27.89
C ARG B 165 -9.87 9.37 -27.54
N ARG B 166 -10.76 8.82 -26.72
CA ARG B 166 -10.72 7.41 -26.32
C ARG B 166 -10.97 6.40 -27.41
N LEU B 167 -11.91 6.70 -28.29
CA LEU B 167 -12.28 5.78 -29.36
C LEU B 167 -11.07 5.61 -30.26
N ASP B 168 -10.38 6.71 -30.51
CA ASP B 168 -9.19 6.68 -31.33
C ASP B 168 -8.20 5.68 -30.74
N LEU B 169 -7.74 5.97 -29.53
CA LEU B 169 -6.79 5.14 -28.81
C LEU B 169 -7.21 3.66 -28.75
N PHE B 170 -8.45 3.38 -28.44
CA PHE B 170 -8.85 1.98 -28.36
C PHE B 170 -8.73 1.30 -29.72
N THR B 171 -8.79 2.08 -30.78
CA THR B 171 -8.67 1.50 -32.12
C THR B 171 -7.28 0.89 -32.27
N ILE B 172 -6.27 1.58 -31.73
CA ILE B 172 -4.91 1.09 -31.83
C ILE B 172 -4.81 -0.23 -31.08
N VAL B 173 -5.42 -0.30 -29.92
CA VAL B 173 -5.34 -1.53 -29.14
C VAL B 173 -6.09 -2.64 -29.87
N ALA B 174 -7.24 -2.29 -30.42
CA ALA B 174 -8.10 -3.25 -31.11
C ALA B 174 -7.48 -3.79 -32.39
N SER B 175 -7.02 -2.88 -33.24
CA SER B 175 -6.40 -3.25 -34.50
C SER B 175 -5.24 -4.20 -34.28
N THR B 176 -4.38 -3.84 -33.34
CA THR B 176 -3.22 -4.65 -33.04
C THR B 176 -3.59 -6.04 -32.50
N ILE B 177 -4.58 -6.09 -31.62
CA ILE B 177 -5.00 -7.35 -31.06
C ILE B 177 -5.62 -8.25 -32.11
N ASN B 178 -6.40 -7.66 -32.99
CA ASN B 178 -7.09 -8.45 -34.01
C ASN B 178 -6.11 -9.15 -34.94
N LYS B 179 -5.04 -8.46 -35.33
CA LYS B 179 -4.04 -9.05 -36.21
C LYS B 179 -3.53 -10.40 -35.71
N TYR B 180 -3.79 -10.73 -34.45
CA TYR B 180 -3.31 -12.00 -33.86
C TYR B 180 -4.41 -12.75 -33.12
N GLY B 181 -5.52 -12.05 -32.87
CA GLY B 181 -6.62 -12.63 -32.12
C GLY B 181 -6.50 -12.21 -30.66
N VAL B 182 -7.50 -12.55 -29.86
CA VAL B 182 -7.46 -12.18 -28.46
C VAL B 182 -6.95 -13.38 -27.65
N PRO B 183 -5.81 -13.22 -26.96
CA PRO B 183 -5.17 -14.25 -26.14
C PRO B 183 -6.13 -14.82 -25.10
N ARG B 184 -6.41 -16.11 -25.15
CA ARG B 184 -7.32 -16.69 -24.18
C ARG B 184 -6.57 -17.13 -22.92
N HIS B 185 -7.14 -16.76 -21.78
CA HIS B 185 -6.54 -17.05 -20.47
C HIS B 185 -7.00 -18.39 -19.90
N ASN B 186 -6.23 -18.92 -18.97
CA ASN B 186 -6.61 -20.18 -18.36
C ASN B 186 -7.32 -19.91 -17.02
N ALA B 187 -7.77 -20.97 -16.36
CA ALA B 187 -8.45 -20.86 -15.07
C ALA B 187 -7.69 -20.02 -14.05
N LYS B 188 -6.37 -19.98 -14.19
CA LYS B 188 -5.53 -19.21 -13.27
C LYS B 188 -5.13 -17.84 -13.82
N TYR B 189 -5.90 -17.39 -14.81
CA TYR B 189 -5.66 -16.10 -15.46
C TYR B 189 -4.21 -15.95 -15.95
N ARG B 190 -3.62 -17.07 -16.38
CA ARG B 190 -2.26 -17.08 -16.90
C ARG B 190 -2.35 -17.30 -18.40
N TYR B 191 -1.34 -16.83 -19.13
CA TYR B 191 -1.34 -17.01 -20.57
C TYR B 191 -0.27 -18.05 -20.91
N GLU B 192 -0.73 -19.18 -21.43
CA GLU B 192 0.14 -20.29 -21.76
C GLU B 192 0.78 -20.22 -23.13
N TYR B 193 1.76 -21.10 -23.36
CA TYR B 193 2.50 -21.15 -24.61
C TYR B 193 1.69 -21.33 -25.90
N ASP B 194 0.65 -22.17 -25.87
CA ASP B 194 -0.07 -22.34 -27.12
C ASP B 194 -0.80 -21.08 -27.58
N VAL B 195 -1.46 -20.37 -26.66
CA VAL B 195 -2.12 -19.13 -27.02
C VAL B 195 -1.11 -18.06 -27.43
N MET B 196 -0.05 -18.01 -26.63
CA MET B 196 1.09 -17.10 -26.75
C MET B 196 2.09 -17.12 -27.92
N LYS B 197 2.45 -18.31 -28.39
CA LYS B 197 3.50 -18.47 -29.40
C LYS B 197 3.16 -17.80 -30.74
N ASP B 198 1.92 -17.87 -31.17
CA ASP B 198 1.53 -17.19 -32.41
C ASP B 198 1.71 -15.66 -32.28
N LYS B 199 1.25 -15.09 -31.15
CA LYS B 199 1.29 -13.65 -30.87
C LYS B 199 2.55 -13.03 -30.25
N PRO B 200 2.71 -11.68 -30.40
CA PRO B 200 3.89 -11.02 -29.82
C PRO B 200 3.90 -11.30 -28.31
N TYR B 201 5.07 -11.63 -27.78
CA TYR B 201 5.21 -11.93 -26.38
C TYR B 201 4.47 -10.95 -25.47
N TYR B 202 4.94 -9.71 -25.44
CA TYR B 202 4.34 -8.67 -24.61
C TYR B 202 2.97 -8.18 -25.04
N LEU B 203 2.28 -8.91 -25.90
CA LEU B 203 0.99 -8.41 -26.35
C LEU B 203 -0.02 -8.19 -25.23
N VAL B 204 -0.20 -9.18 -24.38
CA VAL B 204 -1.18 -9.06 -23.31
C VAL B 204 -0.91 -8.01 -22.24
N THR B 205 0.33 -7.89 -21.79
CA THR B 205 0.62 -6.90 -20.76
C THR B 205 0.45 -5.47 -21.25
N TRP B 206 0.91 -5.26 -22.49
CA TRP B 206 0.86 -4.00 -23.19
C TRP B 206 -0.59 -3.59 -23.40
N ALA B 207 -1.44 -4.56 -23.71
CA ALA B 207 -2.84 -4.25 -23.94
C ALA B 207 -3.43 -3.73 -22.64
N ASN B 208 -3.07 -4.38 -21.53
CA ASN B 208 -3.58 -4.00 -20.22
C ASN B 208 -3.11 -2.59 -19.85
N SER B 209 -1.86 -2.27 -20.10
CA SER B 209 -1.34 -0.95 -19.78
C SER B 209 -1.99 0.15 -20.61
N SER B 210 -2.18 -0.12 -21.91
CA SER B 210 -2.81 0.82 -22.84
C SER B 210 -4.26 1.07 -22.53
N ILE B 211 -4.98 0.00 -22.19
CA ILE B 211 -6.39 0.11 -21.87
C ILE B 211 -6.53 0.93 -20.59
N GLU B 212 -5.66 0.65 -19.63
CA GLU B 212 -5.69 1.35 -18.36
C GLU B 212 -5.36 2.81 -18.60
N MET B 213 -4.40 3.09 -19.46
CA MET B 213 -4.03 4.47 -19.78
C MET B 213 -5.11 5.26 -20.54
N LEU B 214 -5.75 4.60 -21.51
CA LEU B 214 -6.75 5.26 -22.32
C LEU B 214 -8.03 5.53 -21.55
N MET B 215 -8.41 4.60 -20.67
CA MET B 215 -9.61 4.77 -19.85
C MET B 215 -9.42 5.84 -18.73
N SER B 216 -8.26 6.50 -18.70
CA SER B 216 -7.90 7.52 -17.74
C SER B 216 -7.63 8.82 -18.49
N VAL B 217 -8.04 8.85 -19.74
CA VAL B 217 -7.82 10.03 -20.58
C VAL B 217 -9.08 10.85 -20.65
N PHE B 218 -8.95 12.13 -20.36
CA PHE B 218 -10.07 13.05 -20.41
C PHE B 218 -9.73 14.22 -21.33
N SER B 219 -8.79 15.05 -20.91
CA SER B 219 -8.40 16.19 -21.70
C SER B 219 -7.62 15.83 -22.96
N HIS B 220 -7.45 16.82 -23.82
CA HIS B 220 -6.71 16.61 -25.04
C HIS B 220 -5.28 16.23 -24.68
N ASP B 221 -4.77 16.81 -23.60
CA ASP B 221 -3.42 16.49 -23.13
C ASP B 221 -3.28 15.04 -22.70
N ASP B 222 -4.30 14.52 -22.04
CA ASP B 222 -4.22 13.15 -21.61
C ASP B 222 -4.14 12.31 -22.87
N TYR B 223 -4.96 12.67 -23.86
CA TYR B 223 -5.00 11.92 -25.11
C TYR B 223 -3.69 11.96 -25.84
N LEU B 224 -3.04 13.12 -25.84
CA LEU B 224 -1.77 13.20 -26.53
C LEU B 224 -0.76 12.31 -25.82
N ILE B 225 -0.79 12.37 -24.48
CA ILE B 225 0.11 11.57 -23.66
C ILE B 225 -0.15 10.08 -23.76
N ALA B 226 -1.41 9.71 -23.76
CA ALA B 226 -1.72 8.31 -23.84
C ALA B 226 -1.25 7.73 -25.16
N LYS B 227 -1.46 8.46 -26.24
CA LYS B 227 -1.10 7.95 -27.57
C LYS B 227 0.38 7.73 -27.72
N GLU B 228 1.18 8.65 -27.25
CA GLU B 228 2.60 8.45 -27.39
C GLU B 228 3.10 7.27 -26.58
N LEU B 229 2.61 7.15 -25.35
CA LEU B 229 3.03 6.09 -24.44
C LEU B 229 2.58 4.73 -24.96
N ILE B 230 1.34 4.68 -25.45
CA ILE B 230 0.82 3.45 -25.99
C ILE B 230 1.62 2.95 -27.20
N VAL B 231 1.88 3.83 -28.17
CA VAL B 231 2.67 3.43 -29.34
C VAL B 231 4.15 3.09 -29.07
N LEU B 232 4.79 3.89 -28.24
CA LEU B 232 6.18 3.68 -27.86
C LEU B 232 6.46 2.40 -27.05
N SER B 233 5.51 2.13 -26.14
CA SER B 233 5.45 1.06 -25.15
C SER B 233 5.42 -0.28 -25.87
N TYR B 234 4.73 -0.35 -27.00
CA TYR B 234 4.56 -1.60 -27.76
C TYR B 234 5.97 -2.06 -28.19
N SER B 235 6.85 -1.16 -28.58
CA SER B 235 8.22 -1.59 -28.89
C SER B 235 9.20 -1.42 -27.69
N ASN B 236 9.27 -0.23 -27.11
CA ASN B 236 10.16 0.03 -25.99
C ASN B 236 9.62 -0.53 -24.69
N ARG B 237 10.32 -1.50 -24.10
CA ARG B 237 9.90 -2.09 -22.83
C ARG B 237 10.97 -1.91 -21.76
N SER B 238 11.82 -0.89 -21.88
CA SER B 238 12.87 -0.74 -20.90
C SER B 238 13.40 0.66 -20.59
N THR B 239 12.99 1.67 -21.34
CA THR B 239 13.51 3.01 -21.04
C THR B 239 12.48 4.12 -21.23
N LEU B 240 11.29 3.76 -21.68
CA LEU B 240 10.33 4.79 -21.91
C LEU B 240 9.94 5.50 -20.61
N ALA B 241 9.72 4.74 -19.53
CA ALA B 241 9.35 5.37 -18.25
C ALA B 241 10.47 6.22 -17.67
N LYS B 242 11.69 5.71 -17.73
CA LYS B 242 12.84 6.45 -17.25
C LYS B 242 13.10 7.72 -18.12
N LEU B 243 12.94 7.57 -19.45
CA LEU B 243 13.16 8.71 -20.33
C LEU B 243 12.15 9.81 -20.15
N VAL B 244 10.88 9.41 -20.02
CA VAL B 244 9.75 10.32 -19.79
C VAL B 244 9.75 11.03 -18.44
N SER B 245 10.12 10.32 -17.39
CA SER B 245 10.11 10.90 -16.07
C SER B 245 11.44 11.51 -15.64
N SER B 246 12.49 11.31 -16.40
CA SER B 246 13.77 11.85 -16.00
C SER B 246 13.92 13.40 -15.92
N PRO B 247 13.27 14.17 -16.83
CA PRO B 247 13.34 15.64 -16.86
C PRO B 247 12.75 16.32 -15.63
N MET B 248 11.95 15.57 -14.87
CA MET B 248 11.26 16.08 -13.70
C MET B 248 12.25 16.51 -12.63
N SER B 249 13.33 15.77 -12.47
CA SER B 249 14.28 16.12 -11.44
C SER B 249 14.86 17.50 -11.75
N ILE B 250 15.14 17.82 -13.01
CA ILE B 250 15.60 19.16 -13.38
C ILE B 250 14.56 20.29 -13.18
N LEU B 251 13.31 19.98 -13.51
CA LEU B 251 12.18 20.91 -13.54
C LEU B 251 11.85 21.51 -12.20
N VAL B 252 11.94 20.72 -11.14
CA VAL B 252 11.55 21.19 -9.82
C VAL B 252 12.47 22.36 -9.46
N ALA B 253 13.74 22.31 -9.80
CA ALA B 253 14.63 23.43 -9.49
C ALA B 253 14.18 24.70 -10.25
N LEU B 254 13.75 24.58 -11.50
CA LEU B 254 13.33 25.75 -12.25
C LEU B 254 12.23 26.67 -11.65
N VAL B 255 11.04 26.17 -11.38
CA VAL B 255 9.96 27.01 -10.84
C VAL B 255 10.22 27.83 -9.59
N ASP B 256 9.81 29.10 -9.63
CA ASP B 256 9.98 30.06 -8.53
C ASP B 256 9.00 29.78 -7.40
N ILE B 257 9.37 30.16 -6.19
CA ILE B 257 8.49 30.02 -5.02
C ILE B 257 7.79 31.35 -4.72
N ASN B 258 6.46 31.39 -4.84
CA ASN B 258 5.66 32.59 -4.54
C ASN B 258 4.69 32.21 -3.43
N GLY B 259 5.18 32.12 -2.21
CA GLY B 259 4.31 31.73 -1.13
C GLY B 259 4.21 30.23 -1.02
N THR B 260 4.63 29.69 0.12
CA THR B 260 4.63 28.26 0.33
C THR B 260 4.32 27.94 1.77
N PHE B 261 4.06 26.67 2.08
CA PHE B 261 3.82 26.28 3.46
C PHE B 261 5.12 25.80 4.09
N ILE B 262 5.23 25.97 5.39
CA ILE B 262 6.43 25.56 6.09
C ILE B 262 6.07 24.84 7.38
N THR B 263 7.10 24.47 8.13
CA THR B 263 6.91 23.77 9.40
C THR B 263 7.28 24.67 10.54
N ASN B 264 6.38 24.82 11.52
CA ASN B 264 6.65 25.68 12.67
C ASN B 264 7.07 24.87 13.91
N GLU B 265 7.48 25.56 14.96
CA GLU B 265 7.94 24.91 16.20
C GLU B 265 7.03 23.84 16.77
N GLU B 266 5.74 23.91 16.43
CA GLU B 266 4.72 22.95 16.89
C GLU B 266 4.60 21.80 15.89
N LEU B 267 5.54 21.74 14.96
CA LEU B 267 5.56 20.72 13.91
C LEU B 267 4.25 20.66 13.18
N GLU B 268 3.84 21.79 12.63
CA GLU B 268 2.60 21.87 11.87
C GLU B 268 2.71 22.83 10.66
N LEU B 269 1.93 22.57 9.62
CA LEU B 269 1.98 23.42 8.44
C LEU B 269 1.47 24.83 8.76
N GLU B 270 2.11 25.82 8.16
CA GLU B 270 1.77 27.21 8.37
C GLU B 270 2.17 27.98 7.12
N PHE B 271 1.25 28.71 6.52
CA PHE B 271 1.54 29.47 5.32
C PHE B 271 2.53 30.61 5.47
N SER B 272 3.52 30.65 4.58
CA SER B 272 4.53 31.69 4.53
C SER B 272 4.38 32.34 3.17
N ASN B 273 4.34 33.66 3.14
CA ASN B 273 4.16 34.40 1.90
C ASN B 273 5.46 34.71 1.17
N LYS B 274 6.58 34.19 1.67
CA LYS B 274 7.88 34.44 1.07
C LYS B 274 8.01 34.12 -0.40
N TYR B 275 9.10 34.66 -0.96
CA TYR B 275 9.45 34.50 -2.36
C TYR B 275 10.87 33.97 -2.42
N VAL B 276 11.08 32.94 -3.20
CA VAL B 276 12.42 32.43 -3.36
C VAL B 276 12.68 32.38 -4.85
N ARG B 277 13.81 32.96 -5.25
CA ARG B 277 14.21 33.00 -6.65
C ARG B 277 14.88 31.70 -7.07
N ALA B 278 14.36 31.09 -8.13
CA ALA B 278 14.92 29.86 -8.64
C ALA B 278 16.18 30.23 -9.38
N ILE B 279 17.31 29.70 -8.92
CA ILE B 279 18.60 29.97 -9.53
C ILE B 279 19.14 28.74 -10.26
N VAL B 280 19.23 28.81 -11.58
CA VAL B 280 19.70 27.67 -12.36
C VAL B 280 20.92 27.96 -13.25
N PRO B 281 22.07 27.32 -12.98
CA PRO B 281 23.26 27.55 -13.80
C PRO B 281 23.03 26.96 -15.17
N ASP B 282 23.60 27.61 -16.18
CA ASP B 282 23.46 27.21 -17.59
C ASP B 282 23.71 25.73 -17.90
N GLN B 283 24.56 25.09 -17.09
CA GLN B 283 24.93 23.70 -17.26
C GLN B 283 23.68 22.84 -17.08
N THR B 284 22.85 23.22 -16.12
CA THR B 284 21.63 22.47 -15.80
C THR B 284 20.73 22.51 -17.02
N PHE B 285 20.68 23.64 -17.69
CA PHE B 285 19.86 23.72 -18.88
C PHE B 285 20.37 22.76 -19.99
N ASP B 286 21.67 22.64 -20.14
CA ASP B 286 22.23 21.73 -21.13
C ASP B 286 21.86 20.28 -20.76
N GLU B 287 21.91 19.98 -19.45
CA GLU B 287 21.62 18.64 -18.96
C GLU B 287 20.16 18.31 -19.25
N LEU B 288 19.29 19.29 -19.05
CA LEU B 288 17.87 19.10 -19.28
C LEU B 288 17.64 18.88 -20.76
N ASN B 289 18.36 19.62 -21.58
CA ASN B 289 18.24 19.51 -23.02
C ASN B 289 18.69 18.13 -23.48
N GLN B 290 19.75 17.61 -22.87
CA GLN B 290 20.24 16.30 -23.25
C GLN B 290 19.12 15.32 -22.94
N MET B 291 18.44 15.50 -21.80
CA MET B 291 17.35 14.60 -21.43
C MET B 291 16.20 14.70 -22.44
N LEU B 292 15.90 15.92 -22.87
CA LEU B 292 14.85 16.14 -23.87
C LEU B 292 15.22 15.53 -25.24
N ASP B 293 16.49 15.68 -25.62
CA ASP B 293 17.00 15.15 -26.90
C ASP B 293 16.89 13.64 -26.90
N ASN B 294 17.19 13.03 -25.75
CA ASN B 294 17.14 11.58 -25.59
C ASN B 294 15.70 11.12 -25.77
N MET B 295 14.76 11.88 -25.23
CA MET B 295 13.39 11.47 -25.36
C MET B 295 13.07 11.51 -26.85
N ARG B 296 13.56 12.55 -27.52
CA ARG B 296 13.31 12.73 -28.96
C ARG B 296 13.92 11.63 -29.83
N LYS B 297 15.14 11.23 -29.50
CA LYS B 297 15.83 10.16 -30.23
C LYS B 297 15.12 8.83 -30.01
N ALA B 298 14.27 8.74 -28.98
CA ALA B 298 13.56 7.49 -28.70
C ALA B 298 12.18 7.43 -29.33
N GLY B 299 11.88 8.40 -30.18
CA GLY B 299 10.60 8.41 -30.86
C GLY B 299 9.61 9.39 -30.32
N LEU B 300 9.82 9.78 -29.07
CA LEU B 300 8.96 10.73 -28.37
C LEU B 300 8.94 12.10 -29.07
N VAL B 301 7.74 12.63 -29.31
CA VAL B 301 7.58 13.90 -29.99
C VAL B 301 6.71 14.88 -29.22
N ASP B 302 5.47 14.49 -28.98
CA ASP B 302 4.50 15.33 -28.27
C ASP B 302 4.90 15.62 -26.82
N ILE B 303 5.41 14.61 -26.10
CA ILE B 303 5.80 14.78 -24.71
C ILE B 303 6.96 15.76 -24.54
N PRO B 304 7.97 15.68 -25.42
CA PRO B 304 9.12 16.61 -25.32
C PRO B 304 8.67 18.03 -25.58
N LYS B 305 7.77 18.18 -26.56
CA LYS B 305 7.28 19.50 -26.92
C LYS B 305 6.54 20.14 -25.75
N MET B 306 5.76 19.35 -25.02
CA MET B 306 5.01 19.91 -23.91
C MET B 306 5.98 20.43 -22.87
N ILE B 307 7.04 19.70 -22.59
CA ILE B 307 8.01 20.17 -21.61
C ILE B 307 8.67 21.45 -22.13
N GLN B 308 8.95 21.48 -23.42
CA GLN B 308 9.59 22.62 -24.07
C GLN B 308 8.71 23.88 -24.00
N ASP B 309 7.40 23.72 -24.24
CA ASP B 309 6.50 24.86 -24.19
C ASP B 309 6.49 25.40 -22.75
N TRP B 310 6.49 24.47 -21.81
CA TRP B 310 6.46 24.80 -20.40
C TRP B 310 7.70 25.58 -20.00
N LEU B 311 8.83 25.17 -20.56
CA LEU B 311 10.12 25.80 -20.24
C LEU B 311 10.27 27.29 -20.57
N VAL B 312 9.42 27.84 -21.45
CA VAL B 312 9.55 29.26 -21.79
C VAL B 312 9.37 30.16 -20.55
N ASP B 313 8.29 29.95 -19.82
CA ASP B 313 8.01 30.74 -18.63
C ASP B 313 8.27 30.01 -17.30
N ARG B 314 8.01 28.70 -17.28
CA ARG B 314 8.22 27.89 -16.07
C ARG B 314 7.33 28.35 -14.92
N SER B 315 6.03 28.41 -15.18
CA SER B 315 5.07 28.86 -14.18
C SER B 315 4.49 27.73 -13.37
N ILE B 316 4.49 27.88 -12.05
CA ILE B 316 3.91 26.85 -11.23
C ILE B 316 2.43 26.67 -11.66
N GLU B 317 1.86 27.68 -12.30
CA GLU B 317 0.47 27.59 -12.71
C GLU B 317 0.24 26.63 -13.86
N LYS B 318 1.25 26.51 -14.73
CA LYS B 318 1.15 25.59 -15.86
C LYS B 318 2.04 24.36 -15.62
N PHE B 319 2.41 24.14 -14.36
CA PHE B 319 3.24 23.00 -13.98
C PHE B 319 2.44 21.70 -13.84
N PRO B 320 1.13 21.80 -13.67
CA PRO B 320 0.38 20.55 -13.55
C PRO B 320 0.62 19.59 -14.71
N LEU B 321 0.91 20.11 -15.91
CA LEU B 321 1.15 19.25 -17.06
C LEU B 321 2.41 18.42 -16.88
N MET B 322 3.44 19.05 -16.35
CA MET B 322 4.72 18.40 -16.13
C MET B 322 4.54 17.24 -15.12
N ALA B 323 3.74 17.50 -14.09
CA ALA B 323 3.42 16.52 -13.07
C ALA B 323 2.63 15.38 -13.67
N LYS B 324 1.73 15.73 -14.56
CA LYS B 324 0.84 14.77 -15.18
C LYS B 324 1.64 13.77 -15.99
N ILE B 325 2.64 14.27 -16.70
CA ILE B 325 3.48 13.41 -17.54
C ILE B 325 4.30 12.43 -16.68
N TYR B 326 4.80 12.93 -15.54
CA TYR B 326 5.63 12.16 -14.62
C TYR B 326 4.80 10.99 -14.02
N SER B 327 3.55 11.25 -13.66
CA SER B 327 2.65 10.22 -13.15
C SER B 327 2.27 9.15 -14.18
N TRP B 328 2.06 9.63 -15.39
CA TRP B 328 1.67 8.85 -16.55
C TRP B 328 2.68 7.84 -16.99
N SER B 329 3.94 8.21 -16.92
CA SER B 329 4.94 7.34 -17.48
C SER B 329 4.89 6.03 -16.76
N PHE B 330 4.71 5.99 -15.45
CA PHE B 330 4.64 4.69 -14.78
C PHE B 330 3.65 3.66 -15.32
N HIS B 331 2.53 4.12 -15.88
CA HIS B 331 1.49 3.22 -16.40
C HIS B 331 1.76 2.44 -17.66
N VAL B 332 3.04 2.35 -18.02
CA VAL B 332 3.48 1.61 -19.19
C VAL B 332 3.65 0.12 -18.81
N GLY B 333 3.71 -0.14 -17.50
CA GLY B 333 3.84 -1.51 -17.00
C GLY B 333 5.12 -1.62 -16.23
N PHE B 334 5.40 -2.81 -15.70
CA PHE B 334 6.64 -3.04 -14.95
C PHE B 334 7.77 -3.59 -15.83
N ARG B 335 9.01 -3.29 -15.48
CA ARG B 335 10.13 -3.83 -16.23
C ARG B 335 10.49 -5.18 -15.59
N LYS B 336 10.10 -6.27 -16.24
CA LYS B 336 10.38 -7.58 -15.70
C LYS B 336 11.48 -8.32 -16.46
N GLN B 337 12.73 -8.03 -16.08
CA GLN B 337 13.92 -8.65 -16.66
C GLN B 337 14.14 -10.10 -16.20
N LYS B 338 15.29 -10.67 -16.57
CA LYS B 338 15.63 -12.03 -16.17
C LYS B 338 16.55 -11.99 -14.94
N MET B 339 16.25 -12.83 -13.97
CA MET B 339 17.02 -12.86 -12.76
C MET B 339 18.50 -12.61 -12.95
N LEU B 340 19.10 -13.24 -13.97
CA LEU B 340 20.53 -13.09 -14.20
C LEU B 340 20.98 -11.69 -14.59
N ASP B 341 20.21 -11.06 -15.47
CA ASP B 341 20.51 -9.70 -15.89
C ASP B 341 20.35 -8.72 -14.74
N ALA B 342 19.29 -8.91 -13.96
CA ALA B 342 19.00 -8.02 -12.83
C ALA B 342 20.14 -8.17 -11.85
N ALA B 343 20.54 -9.41 -11.66
CA ALA B 343 21.64 -9.79 -10.79
C ALA B 343 23.01 -9.29 -11.27
N LEU B 344 23.22 -9.35 -12.58
CA LEU B 344 24.50 -9.02 -13.21
C LEU B 344 25.04 -7.61 -13.10
N ASP B 345 24.19 -6.60 -13.24
CA ASP B 345 24.66 -5.22 -13.17
C ASP B 345 25.71 -4.98 -12.06
N GLN B 346 25.52 -5.63 -10.92
CA GLN B 346 26.42 -5.48 -9.76
C GLN B 346 27.85 -5.93 -10.03
N GLU B 358 40.04 3.37 1.03
CA GLU B 358 41.04 4.41 1.26
C GLU B 358 40.37 5.75 1.61
N MET B 359 39.25 6.05 0.95
CA MET B 359 38.51 7.28 1.21
C MET B 359 37.17 7.01 1.91
N TYR B 360 36.89 5.73 2.18
CA TYR B 360 35.67 5.34 2.86
C TYR B 360 35.94 5.31 4.34
N ARG B 361 37.10 5.83 4.77
CA ARG B 361 37.45 5.81 6.18
C ARG B 361 36.50 6.68 6.99
N GLU B 362 36.19 7.86 6.47
CA GLU B 362 35.24 8.73 7.15
C GLU B 362 33.85 8.11 7.15
N TYR B 363 33.47 7.55 6.02
CA TYR B 363 32.16 6.95 5.79
C TYR B 363 31.93 5.74 6.67
N THR B 364 32.94 4.90 6.81
CA THR B 364 32.79 3.74 7.69
C THR B 364 32.65 4.16 9.15
N MET B 365 33.42 5.17 9.55
CA MET B 365 33.43 5.62 10.95
C MET B 365 32.08 6.17 11.36
N LEU B 366 31.42 6.90 10.47
CA LEU B 366 30.09 7.43 10.76
C LEU B 366 29.07 6.32 10.90
N ILE B 367 29.18 5.31 10.03
CA ILE B 367 28.26 4.18 10.08
C ILE B 367 28.49 3.44 11.40
N ARG B 368 29.75 3.28 11.79
CA ARG B 368 30.08 2.61 13.04
C ARG B 368 29.60 3.40 14.25
N ASP B 369 29.78 4.73 14.22
CA ASP B 369 29.38 5.61 15.32
C ASP B 369 27.86 5.66 15.50
N GLU B 370 27.13 5.73 14.39
CA GLU B 370 25.66 5.80 14.40
C GLU B 370 25.10 4.52 15.00
N VAL B 371 25.71 3.39 14.67
CA VAL B 371 25.27 2.10 15.18
C VAL B 371 25.44 2.08 16.70
N VAL B 372 26.54 2.65 17.15
CA VAL B 372 26.84 2.71 18.57
C VAL B 372 25.85 3.58 19.37
N LYS B 373 25.47 4.73 18.83
CA LYS B 373 24.54 5.63 19.54
C LYS B 373 23.16 4.99 19.71
N MET B 374 22.72 4.33 18.65
CA MET B 374 21.43 3.70 18.64
C MET B 374 21.33 2.57 19.64
N LEU B 375 22.46 2.03 20.09
CA LEU B 375 22.41 0.89 21.01
C LEU B 375 23.14 1.07 22.33
N GLU B 376 23.92 2.13 22.41
CA GLU B 376 24.69 2.42 23.60
C GLU B 376 23.81 2.36 24.86
N GLU B 377 22.73 3.14 24.88
CA GLU B 377 21.87 3.14 26.04
C GLU B 377 21.18 1.82 26.31
N PRO B 378 20.68 1.17 25.26
CA PRO B 378 20.02 -0.11 25.57
C PRO B 378 20.99 -1.14 26.11
N VAL B 379 22.18 -1.20 25.50
CA VAL B 379 23.20 -2.15 25.92
C VAL B 379 23.79 -1.93 27.29
N LYS B 380 24.08 -0.67 27.64
CA LYS B 380 24.69 -0.39 28.94
C LYS B 380 23.76 -0.76 30.09
N HIS B 381 22.48 -0.42 29.94
CA HIS B 381 21.51 -0.75 30.96
C HIS B 381 21.28 -2.26 31.09
N ASP B 382 21.26 -2.97 29.97
CA ASP B 382 21.06 -4.42 29.94
C ASP B 382 19.62 -4.65 29.60
N ASP B 383 19.16 -3.92 28.59
CA ASP B 383 17.79 -4.00 28.12
C ASP B 383 17.33 -5.44 28.04
N HIS B 384 16.13 -5.69 28.52
CA HIS B 384 15.58 -7.04 28.52
C HIS B 384 15.42 -7.53 27.09
N LEU B 385 14.98 -6.65 26.19
CA LEU B 385 14.71 -7.06 24.81
C LEU B 385 16.01 -7.54 24.19
N LEU B 386 17.12 -6.87 24.48
CA LEU B 386 18.39 -7.33 23.94
C LEU B 386 18.70 -8.72 24.54
N ARG B 387 18.42 -8.88 25.83
CA ARG B 387 18.67 -10.15 26.49
C ARG B 387 17.78 -11.28 25.95
N ASP B 388 16.50 -11.01 25.73
CA ASP B 388 15.58 -12.05 25.26
C ASP B 388 15.35 -11.98 23.76
N SER B 389 16.31 -11.38 23.07
CA SER B 389 16.22 -11.18 21.64
C SER B 389 15.70 -12.40 20.88
N GLU B 390 16.16 -13.58 21.25
CA GLU B 390 15.72 -14.78 20.54
C GLU B 390 14.21 -15.01 20.70
N LEU B 391 13.71 -14.77 21.89
CA LEU B 391 12.30 -14.97 22.13
C LEU B 391 11.51 -13.96 21.30
N ALA B 392 12.05 -12.74 21.24
CA ALA B 392 11.44 -11.66 20.49
C ALA B 392 11.43 -12.02 18.98
N GLY B 393 12.51 -12.63 18.51
CA GLY B 393 12.58 -13.01 17.11
C GLY B 393 11.53 -14.07 16.78
N LEU B 394 11.31 -15.01 17.68
CA LEU B 394 10.33 -16.07 17.45
C LEU B 394 8.89 -15.58 17.38
N LEU B 395 8.55 -14.65 18.26
CA LEU B 395 7.18 -14.12 18.26
C LEU B 395 6.92 -13.33 16.97
N SER B 396 7.91 -12.53 16.57
CA SER B 396 7.87 -11.71 15.35
C SER B 396 7.85 -12.53 14.05
N MET B 397 8.62 -13.62 14.02
CA MET B 397 8.71 -14.53 12.87
C MET B 397 7.47 -14.50 11.98
N SER B 398 7.70 -14.38 10.68
CA SER B 398 6.59 -14.34 9.74
C SER B 398 6.18 -15.75 9.32
N SER B 399 5.76 -15.89 8.07
CA SER B 399 5.34 -17.17 7.51
C SER B 399 5.65 -17.15 6.01
N ALA B 400 6.68 -16.39 5.66
CA ALA B 400 7.10 -16.27 4.27
C ALA B 400 8.03 -17.42 3.90
N SER B 401 9.10 -17.13 3.17
CA SER B 401 10.01 -18.17 2.76
C SER B 401 11.33 -18.21 3.51
N ASN B 402 11.78 -19.43 3.79
CA ASN B 402 13.03 -19.65 4.50
C ASN B 402 14.07 -19.99 3.43
N GLY B 403 13.59 -20.36 2.25
CA GLY B 403 14.50 -20.66 1.15
C GLY B 403 14.28 -21.94 0.36
N GLU B 404 14.22 -23.06 1.08
CA GLU B 404 14.06 -24.36 0.46
C GLU B 404 12.73 -25.00 0.78
N SER B 405 12.31 -25.92 -0.09
CA SER B 405 11.05 -26.62 0.14
C SER B 405 11.40 -27.86 0.94
N ARG B 406 11.00 -27.90 2.21
CA ARG B 406 11.28 -29.03 3.07
C ARG B 406 10.10 -29.96 3.20
N GLN B 407 10.38 -31.22 3.51
CA GLN B 407 9.35 -32.23 3.71
C GLN B 407 9.00 -32.11 5.17
N LEU B 408 7.76 -31.79 5.47
CA LEU B 408 7.35 -31.65 6.85
C LEU B 408 6.25 -32.60 7.26
N LYS B 409 6.48 -33.29 8.38
CA LYS B 409 5.53 -34.25 8.91
C LYS B 409 4.85 -33.63 10.11
N PHE B 410 3.52 -33.48 10.00
CA PHE B 410 2.72 -32.90 11.07
C PHE B 410 1.71 -33.92 11.55
N GLY B 411 1.78 -34.22 12.84
CA GLY B 411 0.89 -35.20 13.42
C GLY B 411 1.08 -36.51 12.69
N ARG B 412 0.30 -36.70 11.64
CA ARG B 412 0.35 -37.91 10.85
C ARG B 412 0.25 -37.56 9.36
N LYS B 413 0.60 -36.32 9.03
CA LYS B 413 0.56 -35.86 7.63
C LYS B 413 1.91 -35.39 7.08
N THR B 414 2.32 -36.04 6.00
CA THR B 414 3.59 -35.73 5.33
C THR B 414 3.31 -34.75 4.20
N ILE B 415 3.53 -33.46 4.47
CA ILE B 415 3.30 -32.42 3.50
C ILE B 415 4.58 -31.60 3.33
N PHE B 416 4.66 -30.81 2.27
CA PHE B 416 5.86 -30.01 2.04
C PHE B 416 5.53 -28.52 1.95
N SER B 417 6.40 -27.72 2.55
CA SER B 417 6.25 -26.27 2.57
C SER B 417 7.62 -25.61 2.59
N THR B 418 7.63 -24.31 2.30
CA THR B 418 8.86 -23.54 2.28
C THR B 418 8.76 -22.47 3.36
N LYS B 419 7.57 -22.36 3.94
CA LYS B 419 7.25 -21.38 4.98
C LYS B 419 8.23 -21.37 6.15
N LYS B 420 8.55 -20.16 6.59
CA LYS B 420 9.46 -19.93 7.71
C LYS B 420 8.92 -20.42 9.06
N ASN B 421 7.64 -20.18 9.31
CA ASN B 421 7.01 -20.57 10.58
C ASN B 421 7.02 -22.10 10.70
N MET B 422 6.73 -22.77 9.60
CA MET B 422 6.69 -24.24 9.54
C MET B 422 8.07 -24.83 9.79
N HIS B 423 9.10 -24.25 9.20
CA HIS B 423 10.44 -24.74 9.36
C HIS B 423 10.92 -24.62 10.80
N VAL B 424 10.59 -23.52 11.47
CA VAL B 424 11.01 -23.34 12.86
C VAL B 424 10.37 -24.39 13.78
N MET B 425 9.09 -24.69 13.60
CA MET B 425 8.45 -25.66 14.45
C MET B 425 9.02 -27.07 14.26
N ASP B 426 9.23 -27.43 13.00
CA ASP B 426 9.73 -28.75 12.65
C ASP B 426 11.14 -28.93 13.19
N ASP B 427 11.96 -27.89 13.05
CA ASP B 427 13.34 -27.97 13.51
C ASP B 427 13.44 -28.11 15.02
N MET B 428 12.60 -27.42 15.77
CA MET B 428 12.61 -27.54 17.23
C MET B 428 12.18 -28.95 17.66
N ALA B 429 11.15 -29.48 17.00
CA ALA B 429 10.65 -30.82 17.33
C ALA B 429 11.68 -31.91 17.05
N ASN B 430 12.83 -31.54 16.51
CA ASN B 430 13.87 -32.50 16.18
C ASN B 430 15.27 -32.02 16.53
N GLU B 431 15.40 -31.38 17.68
CA GLU B 431 16.69 -30.89 18.15
C GLU B 431 17.50 -30.16 17.08
N ARG B 432 16.93 -30.00 15.89
CA ARG B 432 17.60 -29.33 14.79
C ARG B 432 17.54 -27.79 14.93
N TYR B 433 16.56 -27.29 15.68
CA TYR B 433 16.45 -25.87 15.89
C TYR B 433 17.70 -25.38 16.57
N THR B 434 18.54 -24.64 15.84
CA THR B 434 19.78 -24.14 16.43
C THR B 434 20.16 -22.74 15.98
N PRO B 435 19.58 -21.71 16.63
CA PRO B 435 19.82 -20.29 16.36
C PRO B 435 21.19 -19.83 16.82
N GLY B 436 21.86 -20.69 17.57
CA GLY B 436 23.18 -20.35 18.04
C GLY B 436 24.11 -20.43 16.84
N ILE B 437 23.72 -21.25 15.89
CA ILE B 437 24.50 -21.42 14.68
C ILE B 437 23.83 -20.67 13.54
N ILE B 438 24.50 -19.62 13.07
CA ILE B 438 24.02 -18.81 11.97
C ILE B 438 24.60 -19.35 10.66
N PRO B 439 23.81 -20.16 9.95
CA PRO B 439 24.16 -20.80 8.67
C PRO B 439 25.00 -19.93 7.76
N PRO B 440 25.77 -20.55 6.87
CA PRO B 440 26.61 -19.79 5.93
C PRO B 440 25.76 -19.46 4.71
N VAL B 441 26.22 -18.49 3.94
CA VAL B 441 25.49 -18.08 2.76
C VAL B 441 26.47 -17.93 1.61
N ASN B 442 27.51 -18.76 1.62
CA ASN B 442 28.53 -18.73 0.59
C ASN B 442 28.32 -19.81 -0.47
N VAL B 443 29.43 -20.28 -1.02
CA VAL B 443 29.43 -21.28 -2.07
C VAL B 443 28.83 -22.64 -1.72
N ASP B 444 28.94 -23.01 -0.44
CA ASP B 444 28.41 -24.28 0.02
C ASP B 444 26.92 -24.17 0.25
N LYS B 445 26.48 -23.01 0.71
CA LYS B 445 25.06 -22.75 0.95
C LYS B 445 24.65 -21.43 0.24
N PRO B 446 24.44 -21.48 -1.08
CA PRO B 446 24.06 -20.34 -1.91
C PRO B 446 22.69 -19.80 -1.56
N ILE B 447 22.61 -18.47 -1.44
CA ILE B 447 21.39 -17.77 -1.11
C ILE B 447 20.30 -17.84 -2.19
N PRO B 448 19.10 -18.35 -1.85
CA PRO B 448 18.01 -18.44 -2.85
C PRO B 448 17.63 -16.98 -3.13
N LEU B 449 17.07 -16.70 -4.30
CA LEU B 449 16.76 -15.32 -4.69
C LEU B 449 15.32 -14.87 -4.91
N GLY B 450 15.01 -13.69 -4.40
CA GLY B 450 13.70 -13.12 -4.58
C GLY B 450 13.87 -11.88 -5.43
N ARG B 451 12.78 -11.44 -6.07
CA ARG B 451 12.85 -10.26 -6.94
C ARG B 451 11.87 -9.14 -6.58
N ARG B 452 12.18 -7.96 -7.09
CA ARG B 452 11.40 -6.77 -6.86
C ARG B 452 11.31 -6.02 -8.19
N ASP B 453 10.10 -5.91 -8.71
CA ASP B 453 9.86 -5.24 -9.99
C ASP B 453 9.16 -3.91 -9.84
N VAL B 454 9.72 -2.88 -10.47
CA VAL B 454 9.15 -1.54 -10.42
C VAL B 454 9.05 -0.91 -11.82
N PRO B 455 8.13 0.05 -12.01
CA PRO B 455 8.09 0.61 -13.36
C PRO B 455 9.23 1.59 -13.56
N GLY B 456 9.78 1.60 -14.77
CA GLY B 456 10.86 2.51 -15.08
C GLY B 456 12.24 2.15 -14.60
N ARG B 457 12.36 1.71 -13.36
CA ARG B 457 13.66 1.35 -12.81
C ARG B 457 13.99 -0.11 -13.11
N ARG B 458 15.26 -0.45 -13.01
CA ARG B 458 15.76 -1.81 -13.28
C ARG B 458 15.37 -2.80 -12.17
N THR B 459 15.15 -4.06 -12.54
CA THR B 459 14.80 -5.08 -11.56
C THR B 459 15.92 -5.32 -10.55
N ARG B 460 15.54 -5.45 -9.28
CA ARG B 460 16.48 -5.68 -8.19
C ARG B 460 16.26 -7.04 -7.53
N ILE B 461 17.33 -7.63 -7.01
CA ILE B 461 17.22 -8.94 -6.37
C ILE B 461 17.05 -8.87 -4.86
N ILE B 462 16.54 -9.97 -4.30
CA ILE B 462 16.31 -10.06 -2.86
C ILE B 462 16.75 -11.39 -2.27
N PHE B 463 17.50 -11.31 -1.17
CA PHE B 463 17.99 -12.49 -0.43
C PHE B 463 16.90 -13.17 0.37
N ILE B 464 16.71 -14.47 0.20
CA ILE B 464 15.74 -15.18 1.03
C ILE B 464 16.59 -16.01 2.02
N LEU B 465 17.14 -15.33 3.03
CA LEU B 465 17.98 -15.94 4.06
C LEU B 465 17.18 -16.80 5.05
N PRO B 466 17.83 -17.82 5.62
CA PRO B 466 17.18 -18.72 6.58
C PRO B 466 16.82 -17.95 7.87
N TYR B 467 15.79 -18.43 8.56
CA TYR B 467 15.30 -17.79 9.78
C TYR B 467 16.32 -17.49 10.90
N GLU B 468 17.50 -18.08 10.82
CA GLU B 468 18.51 -17.85 11.83
C GLU B 468 18.82 -16.37 11.72
N TYR B 469 18.87 -15.88 10.48
CA TYR B 469 19.17 -14.48 10.21
C TYR B 469 18.14 -13.46 10.74
N PHE B 470 16.84 -13.75 10.60
CA PHE B 470 15.83 -12.83 11.09
C PHE B 470 15.84 -12.70 12.61
N ILE B 471 16.01 -13.84 13.28
CA ILE B 471 16.03 -13.87 14.73
C ILE B 471 17.27 -13.18 15.32
N ALA B 472 18.41 -13.40 14.71
CA ALA B 472 19.63 -12.78 15.20
C ALA B 472 19.59 -11.28 15.02
N GLN B 473 18.74 -10.82 14.11
CA GLN B 473 18.67 -9.40 13.81
C GLN B 473 17.44 -8.66 14.28
N HIS B 474 16.38 -9.36 14.63
CA HIS B 474 15.16 -8.65 14.99
C HIS B 474 15.18 -7.74 16.21
N ALA B 475 15.77 -8.17 17.31
CA ALA B 475 15.78 -7.29 18.47
C ALA B 475 16.61 -6.03 18.28
N VAL B 476 17.78 -6.17 17.67
CA VAL B 476 18.69 -5.04 17.47
C VAL B 476 18.15 -3.93 16.56
N VAL B 477 17.48 -4.36 15.48
CA VAL B 477 16.88 -3.46 14.51
C VAL B 477 15.77 -2.65 15.16
N GLU B 478 15.01 -3.32 16.02
CA GLU B 478 13.91 -2.68 16.71
C GLU B 478 14.43 -1.56 17.61
N LYS B 479 15.57 -1.80 18.27
CA LYS B 479 16.18 -0.78 19.11
C LYS B 479 16.64 0.37 18.23
N MET B 480 17.19 0.04 17.07
CA MET B 480 17.69 1.04 16.13
C MET B 480 16.57 1.92 15.61
N LEU B 481 15.44 1.30 15.32
CA LEU B 481 14.30 2.01 14.80
C LEU B 481 13.81 2.99 15.85
N ILE B 482 13.85 2.58 17.12
CA ILE B 482 13.39 3.44 18.19
C ILE B 482 14.29 4.65 18.22
N TYR B 483 15.59 4.50 18.03
CA TYR B 483 16.45 5.67 18.03
C TYR B 483 16.04 6.60 16.86
N ALA B 484 15.76 5.99 15.71
CA ALA B 484 15.38 6.78 14.54
C ALA B 484 14.05 7.50 14.80
N LYS B 485 13.12 6.81 15.47
CA LYS B 485 11.80 7.34 15.78
C LYS B 485 11.86 8.76 16.36
N HIS B 486 12.89 9.05 17.14
CA HIS B 486 12.99 10.36 17.73
C HIS B 486 14.13 11.22 17.20
N THR B 487 14.67 10.80 16.07
CA THR B 487 15.75 11.51 15.39
C THR B 487 15.16 12.06 14.10
N ARG B 488 15.33 13.36 13.86
CA ARG B 488 14.72 13.95 12.69
C ARG B 488 15.39 13.68 11.35
N GLU B 489 16.70 13.39 11.35
CA GLU B 489 17.42 13.07 10.11
C GLU B 489 16.73 11.93 9.34
N TYR B 490 16.10 11.02 10.09
CA TYR B 490 15.41 9.87 9.53
C TYR B 490 13.93 10.16 9.24
N ALA B 491 13.71 10.99 8.24
CA ALA B 491 12.39 11.42 7.79
C ALA B 491 11.31 10.33 7.83
N GLU B 492 11.66 9.13 7.41
CA GLU B 492 10.71 8.03 7.35
C GLU B 492 10.29 7.45 8.72
N PHE B 493 11.17 7.53 9.70
CA PHE B 493 10.88 6.96 11.02
C PHE B 493 10.49 7.97 12.10
N TYR B 494 10.89 9.22 11.92
CA TYR B 494 10.60 10.25 12.93
C TYR B 494 9.17 10.45 13.40
N SER B 495 8.97 10.28 14.71
CA SER B 495 7.65 10.49 15.31
C SER B 495 6.51 9.82 14.54
N GLN B 496 5.33 10.42 14.59
CA GLN B 496 4.15 9.88 13.90
C GLN B 496 3.99 10.60 12.57
N SER B 497 4.99 11.44 12.27
CA SER B 497 5.07 12.27 11.07
C SER B 497 4.66 11.61 9.77
N ASN B 498 4.02 12.40 8.91
CA ASN B 498 3.60 11.95 7.60
C ASN B 498 4.44 12.75 6.58
N GLN B 499 4.17 12.57 5.29
CA GLN B 499 4.98 13.25 4.31
C GLN B 499 4.91 14.77 4.28
N LEU B 500 3.82 15.35 4.79
CA LEU B 500 3.64 16.80 4.83
C LEU B 500 4.67 17.49 5.70
N LEU B 501 5.02 16.90 6.83
CA LEU B 501 6.02 17.50 7.70
C LEU B 501 7.37 17.56 6.99
N SER B 502 7.71 16.50 6.25
CA SER B 502 8.96 16.42 5.49
C SER B 502 8.95 17.50 4.42
N TYR B 503 7.78 17.71 3.82
CA TYR B 503 7.59 18.72 2.78
C TYR B 503 7.82 20.10 3.37
N GLY B 504 7.28 20.26 4.57
CA GLY B 504 7.36 21.49 5.31
C GLY B 504 8.76 21.85 5.72
N ASP B 505 9.54 20.85 6.11
CA ASP B 505 10.90 21.07 6.54
C ASP B 505 11.81 21.64 5.44
N VAL B 506 11.68 21.16 4.22
CA VAL B 506 12.54 21.67 3.16
C VAL B 506 12.24 23.15 2.87
N THR B 507 10.97 23.49 2.83
CA THR B 507 10.51 24.84 2.53
C THR B 507 10.91 25.86 3.58
N ARG B 508 10.82 25.45 4.85
CA ARG B 508 11.18 26.30 5.98
C ARG B 508 12.40 27.20 5.75
N PHE B 509 13.58 26.63 5.59
CA PHE B 509 14.77 27.44 5.44
C PHE B 509 15.09 28.02 4.08
N LEU B 510 14.27 27.73 3.08
CA LEU B 510 14.51 28.27 1.75
C LEU B 510 14.46 29.80 1.70
N SER B 511 15.50 30.36 1.09
CA SER B 511 15.63 31.79 0.94
C SER B 511 16.70 32.07 -0.13
N ASN B 512 16.94 33.36 -0.40
CA ASN B 512 17.92 33.76 -1.40
C ASN B 512 19.36 33.58 -0.97
N ASN B 513 19.57 32.96 0.18
CA ASN B 513 20.93 32.75 0.62
C ASN B 513 21.19 31.29 1.01
N THR B 514 20.32 30.40 0.54
CA THR B 514 20.46 28.97 0.80
C THR B 514 20.03 28.15 -0.42
N MET B 515 20.70 27.02 -0.62
CA MET B 515 20.37 26.14 -1.74
C MET B 515 20.16 24.72 -1.21
N VAL B 516 19.20 24.00 -1.79
CA VAL B 516 18.94 22.63 -1.37
C VAL B 516 19.65 21.64 -2.30
N LEU B 517 20.15 20.57 -1.71
CA LEU B 517 20.89 19.55 -2.45
C LEU B 517 20.21 18.18 -2.31
N TYR B 518 19.59 17.70 -3.38
CA TYR B 518 18.94 16.40 -3.32
C TYR B 518 19.77 15.39 -4.11
N THR B 519 19.72 14.13 -3.71
CA THR B 519 20.54 13.11 -4.34
C THR B 519 19.92 11.73 -4.30
N ASP B 520 19.83 11.08 -5.45
CA ASP B 520 19.28 9.74 -5.55
C ASP B 520 20.47 8.79 -5.37
N VAL B 521 20.44 7.95 -4.35
CA VAL B 521 21.55 7.02 -4.12
C VAL B 521 21.11 5.57 -4.25
N SER B 522 20.12 5.31 -5.08
CA SER B 522 19.61 3.94 -5.23
C SER B 522 20.70 3.01 -5.82
N GLN B 523 21.47 3.54 -6.76
CA GLN B 523 22.57 2.82 -7.39
C GLN B 523 23.71 2.47 -6.43
N TRP B 524 24.05 3.40 -5.54
CA TRP B 524 25.15 3.18 -4.59
C TRP B 524 24.86 2.01 -3.63
N ASP B 525 23.62 1.90 -3.16
CA ASP B 525 23.25 0.82 -2.25
C ASP B 525 23.59 -0.55 -2.82
N SER B 526 23.28 -0.77 -4.09
CA SER B 526 23.55 -2.06 -4.72
C SER B 526 25.00 -2.19 -5.19
N SER B 527 25.76 -1.11 -5.08
CA SER B 527 27.18 -1.09 -5.48
C SER B 527 28.03 -2.01 -4.62
N GLN B 528 29.01 -2.67 -5.24
CA GLN B 528 29.92 -3.58 -4.55
C GLN B 528 30.95 -2.79 -3.75
N HIS B 529 31.16 -1.55 -4.19
CA HIS B 529 32.09 -0.65 -3.56
C HIS B 529 31.55 -0.41 -2.16
N ASN B 530 30.24 -0.29 -2.09
CA ASN B 530 29.53 -0.06 -0.84
C ASN B 530 29.62 -1.14 0.23
N THR B 531 29.59 -2.42 -0.14
CA THR B 531 29.53 -3.50 0.86
C THR B 531 30.72 -3.61 1.82
N GLN B 532 31.95 -3.42 1.35
CA GLN B 532 33.06 -3.50 2.30
C GLN B 532 32.88 -2.52 3.48
N PRO B 533 32.82 -1.20 3.20
CA PRO B 533 32.67 -0.18 4.24
C PRO B 533 31.37 -0.28 5.07
N PHE B 534 30.37 -0.94 4.49
CA PHE B 534 29.08 -1.10 5.14
C PHE B 534 29.11 -2.11 6.25
N ARG B 535 29.42 -3.34 5.91
CA ARG B 535 29.46 -4.45 6.86
C ARG B 535 30.56 -4.15 7.87
N LYS B 536 31.67 -3.62 7.40
CA LYS B 536 32.77 -3.32 8.29
C LYS B 536 32.35 -2.26 9.30
N GLY B 537 31.59 -1.26 8.84
CA GLY B 537 31.16 -0.21 9.74
C GLY B 537 30.21 -0.72 10.82
N ILE B 538 29.29 -1.60 10.44
CA ILE B 538 28.35 -2.15 11.40
C ILE B 538 29.05 -3.03 12.44
N ILE B 539 29.99 -3.85 11.98
CA ILE B 539 30.73 -4.77 12.85
C ILE B 539 31.62 -4.05 13.86
N MET B 540 32.28 -2.99 13.43
CA MET B 540 33.15 -2.23 14.30
C MET B 540 32.29 -1.64 15.40
N GLY B 541 31.12 -1.18 15.02
CA GLY B 541 30.19 -0.61 15.97
C GLY B 541 29.72 -1.65 16.97
N LEU B 542 29.48 -2.86 16.46
CA LEU B 542 28.99 -3.96 17.29
C LEU B 542 30.03 -4.30 18.33
N ASP B 543 31.30 -4.25 17.95
CA ASP B 543 32.39 -4.55 18.87
C ASP B 543 32.46 -3.54 20.01
N ILE B 544 32.28 -2.26 19.68
CA ILE B 544 32.33 -1.22 20.71
C ILE B 544 31.19 -1.46 21.69
N LEU B 545 30.04 -1.85 21.15
CA LEU B 545 28.88 -2.11 21.97
C LEU B 545 29.14 -3.30 22.90
N ALA B 546 29.82 -4.33 22.40
CA ALA B 546 30.13 -5.52 23.18
C ALA B 546 31.05 -5.18 24.35
N ASN B 547 32.02 -4.29 24.13
CA ASN B 547 32.92 -3.88 25.22
C ASN B 547 32.20 -2.92 26.18
N MET B 548 30.88 -2.91 26.15
CA MET B 548 30.11 -2.02 27.02
C MET B 548 29.33 -2.77 28.10
N THR B 549 29.30 -4.09 28.02
CA THR B 549 28.60 -4.88 29.00
C THR B 549 29.29 -6.23 29.19
N ASN B 550 28.79 -7.01 30.14
CA ASN B 550 29.36 -8.33 30.43
C ASN B 550 28.20 -9.32 30.43
N ASP B 551 27.00 -8.81 30.18
CA ASP B 551 25.79 -9.63 30.17
C ASP B 551 25.92 -10.75 29.13
N ALA B 552 25.69 -11.98 29.55
CA ALA B 552 25.79 -13.12 28.65
C ALA B 552 24.73 -13.09 27.57
N LYS B 553 23.51 -12.73 27.95
CA LYS B 553 22.43 -12.66 26.97
C LYS B 553 22.69 -11.55 25.95
N VAL B 554 23.16 -10.40 26.44
CA VAL B 554 23.43 -9.27 25.56
C VAL B 554 24.56 -9.52 24.59
N LEU B 555 25.64 -10.13 25.07
CA LEU B 555 26.77 -10.43 24.21
C LEU B 555 26.44 -11.45 23.14
N GLN B 556 25.69 -12.49 23.50
CA GLN B 556 25.37 -13.51 22.50
C GLN B 556 24.46 -12.99 21.38
N THR B 557 23.44 -12.20 21.77
CA THR B 557 22.50 -11.62 20.82
C THR B 557 23.27 -10.61 19.96
N LEU B 558 24.13 -9.86 20.63
CA LEU B 558 24.97 -8.87 20.00
C LEU B 558 25.98 -9.56 19.09
N ASN B 559 26.54 -10.68 19.57
CA ASN B 559 27.51 -11.47 18.83
C ASN B 559 26.96 -12.13 17.58
N LEU B 560 25.74 -12.63 17.68
CA LEU B 560 25.08 -13.29 16.57
C LEU B 560 24.87 -12.28 15.43
N TYR B 561 24.53 -11.05 15.78
CA TYR B 561 24.28 -10.01 14.79
C TYR B 561 25.61 -9.82 14.08
N LYS B 562 26.72 -9.86 14.82
CA LYS B 562 28.04 -9.68 14.23
C LYS B 562 28.30 -10.81 13.24
N GLN B 563 27.88 -12.01 13.58
CA GLN B 563 28.09 -13.15 12.72
C GLN B 563 27.36 -13.06 11.38
N THR B 564 26.14 -12.55 11.37
CA THR B 564 25.37 -12.44 10.12
C THR B 564 26.05 -11.50 9.14
N GLN B 565 26.60 -10.41 9.66
CA GLN B 565 27.32 -9.47 8.81
C GLN B 565 28.54 -10.11 8.19
N ILE B 566 29.24 -10.92 8.99
CA ILE B 566 30.42 -11.64 8.53
C ILE B 566 30.10 -12.71 7.47
N ASN B 567 29.01 -13.46 7.64
CA ASN B 567 28.62 -14.50 6.68
C ASN B 567 28.27 -13.86 5.34
N LEU B 568 27.57 -12.74 5.41
CA LEU B 568 27.14 -11.97 4.23
C LEU B 568 28.31 -11.37 3.45
N MET B 569 29.30 -10.86 4.18
CA MET B 569 30.49 -10.29 3.55
C MET B 569 30.91 -11.05 2.28
N ASP B 570 30.86 -12.37 2.33
CA ASP B 570 31.22 -13.19 1.16
C ASP B 570 30.10 -14.20 0.86
N SER B 571 29.01 -13.70 0.28
CA SER B 571 27.87 -14.55 -0.03
C SER B 571 27.84 -14.97 -1.48
N TYR B 572 27.09 -16.03 -1.73
CA TYR B 572 26.92 -16.59 -3.07
C TYR B 572 25.45 -16.76 -3.31
N VAL B 573 25.05 -16.53 -4.56
CA VAL B 573 23.67 -16.60 -4.92
C VAL B 573 23.26 -17.60 -5.99
N GLN B 574 22.03 -18.10 -5.87
CA GLN B 574 21.47 -19.07 -6.80
C GLN B 574 20.62 -18.35 -7.80
N ILE B 575 21.15 -18.14 -8.99
CA ILE B 575 20.43 -17.46 -10.03
C ILE B 575 19.92 -18.42 -11.09
N PRO B 576 18.62 -18.45 -11.32
CA PRO B 576 18.12 -19.36 -12.35
C PRO B 576 18.65 -18.87 -13.70
N ASP B 577 18.96 -19.80 -14.60
CA ASP B 577 19.45 -19.44 -15.93
C ASP B 577 18.78 -20.39 -16.93
N GLY B 578 17.45 -20.33 -16.96
CA GLY B 578 16.69 -21.18 -17.85
C GLY B 578 15.89 -22.14 -16.99
N ASN B 579 16.43 -23.32 -16.78
CA ASN B 579 15.79 -24.32 -15.94
C ASN B 579 16.91 -24.94 -15.15
N VAL B 580 17.96 -24.13 -15.02
CA VAL B 580 19.19 -24.48 -14.32
C VAL B 580 19.38 -23.43 -13.23
N ILE B 581 20.15 -23.75 -12.20
CA ILE B 581 20.38 -22.78 -11.15
C ILE B 581 21.86 -22.46 -10.97
N LYS B 582 22.42 -21.64 -11.85
CA LYS B 582 23.82 -21.28 -11.73
C LYS B 582 24.08 -20.60 -10.39
N LYS B 583 25.21 -20.89 -9.77
CA LYS B 583 25.55 -20.29 -8.50
C LYS B 583 26.64 -19.30 -8.79
N ILE B 584 26.45 -18.04 -8.42
CA ILE B 584 27.47 -17.03 -8.69
C ILE B 584 27.79 -16.23 -7.42
N GLN B 585 29.05 -15.85 -7.27
CA GLN B 585 29.50 -15.10 -6.12
C GLN B 585 29.03 -13.66 -6.15
N TYR B 586 28.06 -13.35 -5.29
CA TYR B 586 27.49 -12.02 -5.21
C TYR B 586 28.24 -11.18 -4.18
N GLY B 587 28.93 -10.14 -4.63
CA GLY B 587 29.66 -9.30 -3.70
C GLY B 587 29.06 -7.92 -3.44
N ALA B 588 27.73 -7.82 -3.48
CA ALA B 588 27.07 -6.54 -3.27
C ALA B 588 26.04 -6.65 -2.16
N VAL B 589 25.65 -5.52 -1.58
CA VAL B 589 24.64 -5.56 -0.53
C VAL B 589 23.27 -5.56 -1.17
N ALA B 590 22.56 -6.68 -1.05
CA ALA B 590 21.22 -6.77 -1.58
C ALA B 590 20.35 -6.63 -0.35
N SER B 591 19.04 -6.78 -0.51
CA SER B 591 18.16 -6.65 0.63
C SER B 591 17.53 -8.00 0.93
N GLY B 592 16.96 -8.14 2.10
CA GLY B 592 16.32 -9.39 2.49
C GLY B 592 16.54 -9.56 3.97
N GLU B 593 17.38 -8.69 4.53
CA GLU B 593 17.72 -8.69 5.95
C GLU B 593 16.65 -7.90 6.71
N LYS B 594 16.69 -8.01 8.03
CA LYS B 594 15.76 -7.29 8.86
C LYS B 594 16.31 -5.89 8.95
N GLN B 595 17.64 -5.76 8.98
CA GLN B 595 18.26 -4.45 9.09
C GLN B 595 18.30 -3.69 7.77
N THR B 596 17.72 -4.28 6.72
CA THR B 596 17.75 -3.63 5.41
C THR B 596 17.39 -2.15 5.43
N LYS B 597 16.13 -1.81 5.72
CA LYS B 597 15.74 -0.39 5.69
C LYS B 597 16.46 0.45 6.72
N ALA B 598 16.60 -0.05 7.93
CA ALA B 598 17.27 0.79 8.90
C ALA B 598 18.72 1.00 8.56
N ALA B 599 19.40 -0.07 8.13
CA ALA B 599 20.83 -0.03 7.79
C ALA B 599 21.11 0.84 6.58
N ASN B 600 20.24 0.69 5.59
CA ASN B 600 20.37 1.43 4.37
C ASN B 600 20.21 2.90 4.76
N SER B 601 19.27 3.18 5.67
CA SER B 601 19.04 4.55 6.11
C SER B 601 20.26 5.07 6.81
N ILE B 602 20.87 4.25 7.65
CA ILE B 602 22.07 4.69 8.36
C ILE B 602 23.19 4.99 7.35
N ALA B 603 23.34 4.13 6.36
CA ALA B 603 24.37 4.32 5.36
C ALA B 603 24.15 5.57 4.49
N ASN B 604 22.89 5.81 4.06
CA ASN B 604 22.59 6.95 3.21
C ASN B 604 22.88 8.26 3.93
N LEU B 605 22.51 8.31 5.21
CA LEU B 605 22.78 9.49 6.02
C LEU B 605 24.27 9.70 6.20
N ALA B 606 24.99 8.60 6.41
CA ALA B 606 26.45 8.67 6.60
C ALA B 606 27.10 9.20 5.33
N LEU B 607 26.59 8.75 4.20
CA LEU B 607 27.15 9.16 2.94
C LEU B 607 26.99 10.66 2.70
N ILE B 608 25.81 11.20 2.99
CA ILE B 608 25.61 12.61 2.78
C ILE B 608 26.50 13.41 3.72
N LYS B 609 26.64 12.95 4.95
CA LYS B 609 27.45 13.69 5.90
C LYS B 609 28.87 13.70 5.39
N THR B 610 29.33 12.57 4.85
CA THR B 610 30.70 12.48 4.35
C THR B 610 30.93 13.42 3.17
N VAL B 611 29.97 13.49 2.26
CA VAL B 611 30.10 14.38 1.11
C VAL B 611 30.09 15.85 1.52
N LEU B 612 29.19 16.18 2.45
CA LEU B 612 29.03 17.54 2.94
C LEU B 612 30.27 18.03 3.66
N SER B 613 30.88 17.14 4.44
CA SER B 613 32.08 17.52 5.16
C SER B 613 33.22 17.85 4.18
N ARG B 614 33.36 17.02 3.15
CA ARG B 614 34.41 17.20 2.15
C ARG B 614 34.28 18.49 1.35
N ILE B 615 33.05 18.82 0.99
CA ILE B 615 32.77 20.01 0.21
C ILE B 615 33.11 21.32 0.90
N SER B 616 32.87 21.40 2.20
CA SER B 616 33.06 22.65 2.93
C SER B 616 34.50 23.11 2.92
N ASN B 617 35.48 22.21 3.04
CA ASN B 617 36.88 22.63 2.98
C ASN B 617 37.04 23.77 1.95
N LYS B 618 36.20 23.74 0.90
CA LYS B 618 36.22 24.76 -0.13
C LYS B 618 35.30 25.93 0.21
N HIS B 619 33.99 25.69 0.21
CA HIS B 619 33.00 26.74 0.52
C HIS B 619 32.47 26.65 1.94
N SER B 620 32.07 27.79 2.49
CA SER B 620 31.52 27.84 3.83
C SER B 620 30.01 28.02 3.79
N PHE B 621 29.32 27.12 4.47
CA PHE B 621 27.87 27.16 4.53
C PHE B 621 27.42 26.68 5.91
N ALA B 622 26.12 26.73 6.16
CA ALA B 622 25.56 26.29 7.42
C ALA B 622 24.60 25.16 7.10
N THR B 623 24.55 24.16 7.96
CA THR B 623 23.65 23.02 7.73
C THR B 623 22.30 23.20 8.44
N LYS B 624 21.33 23.74 7.74
CA LYS B 624 20.03 23.97 8.32
C LYS B 624 19.39 22.62 8.57
N ILE B 625 19.34 21.75 7.57
CA ILE B 625 18.78 20.42 7.78
C ILE B 625 19.47 19.38 6.91
N ILE B 626 19.61 18.16 7.44
CA ILE B 626 20.15 17.04 6.69
C ILE B 626 19.09 15.96 6.80
N ARG B 627 18.84 15.24 5.71
CA ARG B 627 17.82 14.19 5.73
C ARG B 627 18.12 12.99 4.84
N VAL B 628 17.59 11.84 5.25
CA VAL B 628 17.67 10.60 4.50
C VAL B 628 16.24 10.09 4.50
N ASP B 629 15.74 9.70 3.35
CA ASP B 629 14.38 9.21 3.28
C ASP B 629 14.36 8.13 2.21
N GLY B 630 14.41 6.87 2.62
CA GLY B 630 14.40 5.82 1.63
C GLY B 630 15.67 5.88 0.79
N ASP B 631 15.50 5.81 -0.54
CA ASP B 631 16.63 5.81 -1.47
C ASP B 631 17.22 7.16 -1.88
N ASP B 632 16.73 8.23 -1.27
CA ASP B 632 17.23 9.56 -1.56
C ASP B 632 17.79 10.14 -0.26
N ASN B 633 18.46 11.28 -0.37
CA ASN B 633 18.99 11.96 0.82
C ASN B 633 19.10 13.39 0.39
N TYR B 634 19.04 14.33 1.32
CA TYR B 634 19.12 15.72 0.93
C TYR B 634 19.52 16.62 2.07
N ALA B 635 19.83 17.88 1.75
CA ALA B 635 20.23 18.85 2.76
C ALA B 635 20.02 20.28 2.28
N VAL B 636 19.79 21.17 3.24
CA VAL B 636 19.59 22.59 2.99
C VAL B 636 20.77 23.34 3.62
N LEU B 637 21.58 23.98 2.78
CA LEU B 637 22.75 24.71 3.25
C LEU B 637 22.53 26.21 3.20
N GLN B 638 23.16 26.95 4.11
CA GLN B 638 23.01 28.39 4.16
C GLN B 638 24.36 29.03 3.96
N PHE B 639 24.41 30.06 3.12
CA PHE B 639 25.65 30.76 2.83
C PHE B 639 25.63 32.15 3.43
N ASN B 640 26.81 32.73 3.62
CA ASN B 640 26.92 34.08 4.19
C ASN B 640 26.68 35.18 3.17
N THR B 641 26.47 34.76 1.91
CA THR B 641 26.21 35.70 0.85
C THR B 641 25.02 35.22 0.01
N GLU B 642 24.65 35.98 -1.00
CA GLU B 642 23.54 35.58 -1.85
C GLU B 642 23.98 34.55 -2.88
N VAL B 643 23.11 33.57 -3.11
CA VAL B 643 23.40 32.48 -4.04
C VAL B 643 23.29 32.88 -5.49
N THR B 644 24.36 32.65 -6.24
CA THR B 644 24.39 32.96 -7.66
C THR B 644 24.42 31.68 -8.48
N LYS B 645 24.21 31.81 -9.79
CA LYS B 645 24.20 30.67 -10.69
C LYS B 645 25.59 30.06 -10.62
N GLN B 646 26.59 30.93 -10.55
CA GLN B 646 27.95 30.45 -10.46
C GLN B 646 28.18 29.67 -9.18
N MET B 647 27.61 30.14 -8.07
CA MET B 647 27.77 29.42 -6.82
C MET B 647 27.13 28.04 -6.87
N ILE B 648 25.95 27.96 -7.48
CA ILE B 648 25.25 26.70 -7.55
C ILE B 648 26.06 25.70 -8.35
N GLN B 649 26.64 26.14 -9.46
CA GLN B 649 27.45 25.25 -10.27
C GLN B 649 28.68 24.75 -9.51
N ASP B 650 29.34 25.63 -8.78
CA ASP B 650 30.54 25.23 -8.04
C ASP B 650 30.26 24.23 -6.95
N VAL B 651 29.18 24.44 -6.21
CA VAL B 651 28.80 23.53 -5.13
C VAL B 651 28.41 22.19 -5.72
N SER B 652 27.66 22.21 -6.82
CA SER B 652 27.24 20.99 -7.49
C SER B 652 28.38 20.16 -8.09
N ASN B 653 29.32 20.83 -8.74
CA ASN B 653 30.43 20.12 -9.36
C ASN B 653 31.27 19.44 -8.30
N ASP B 654 31.51 20.15 -7.21
CA ASP B 654 32.30 19.62 -6.11
C ASP B 654 31.61 18.43 -5.43
N VAL B 655 30.29 18.52 -5.28
CA VAL B 655 29.53 17.43 -4.70
C VAL B 655 29.56 16.22 -5.63
N ARG B 656 29.40 16.45 -6.93
CA ARG B 656 29.40 15.34 -7.86
C ARG B 656 30.76 14.69 -7.90
N GLU B 657 31.80 15.52 -7.84
CA GLU B 657 33.15 15.01 -7.85
C GLU B 657 33.41 14.18 -6.56
N THR B 658 32.92 14.64 -5.41
CA THR B 658 33.15 13.91 -4.16
C THR B 658 32.47 12.54 -4.25
N TYR B 659 31.27 12.52 -4.79
CA TYR B 659 30.52 11.29 -4.95
C TYR B 659 31.30 10.40 -5.92
N ALA B 660 31.85 11.05 -6.95
CA ALA B 660 32.62 10.38 -8.01
C ALA B 660 33.89 9.72 -7.49
N ARG B 661 34.59 10.41 -6.60
CA ARG B 661 35.81 9.87 -6.04
C ARG B 661 35.49 8.61 -5.27
N MET B 662 34.39 8.60 -4.53
CA MET B 662 33.97 7.43 -3.77
C MET B 662 33.45 6.30 -4.66
N ASN B 663 33.43 6.53 -5.96
CA ASN B 663 32.94 5.52 -6.90
C ASN B 663 31.47 5.23 -6.68
N ALA B 664 30.69 6.29 -6.56
CA ALA B 664 29.26 6.14 -6.38
C ALA B 664 28.55 6.75 -7.58
N LYS B 665 27.80 5.92 -8.29
CA LYS B 665 27.03 6.38 -9.43
C LYS B 665 25.71 6.87 -8.87
N VAL B 666 25.63 8.18 -8.66
CA VAL B 666 24.43 8.79 -8.11
C VAL B 666 24.05 10.07 -8.85
N LYS B 667 22.77 10.43 -8.75
CA LYS B 667 22.28 11.66 -9.38
C LYS B 667 22.27 12.74 -8.29
N ALA B 668 23.17 13.71 -8.41
CA ALA B 668 23.25 14.77 -7.43
C ALA B 668 22.90 16.09 -8.10
N LEU B 669 21.87 16.75 -7.60
CA LEU B 669 21.40 18.05 -8.12
C LEU B 669 21.38 19.14 -7.04
N VAL B 670 21.43 20.41 -7.46
CA VAL B 670 21.40 21.51 -6.50
C VAL B 670 20.46 22.63 -6.96
N SER B 671 19.59 23.07 -6.07
CA SER B 671 18.63 24.11 -6.42
C SER B 671 18.30 24.94 -5.18
N THR B 672 17.57 26.02 -5.38
CA THR B 672 17.18 26.88 -4.27
C THR B 672 15.67 26.86 -4.05
N VAL B 673 14.95 26.04 -4.80
CA VAL B 673 13.50 26.03 -4.66
C VAL B 673 12.81 24.67 -4.56
N GLY B 674 13.34 23.66 -5.25
CA GLY B 674 12.68 22.36 -5.18
C GLY B 674 13.58 21.16 -4.97
N ILE B 675 12.96 19.99 -4.90
CA ILE B 675 13.70 18.75 -4.76
C ILE B 675 12.82 17.67 -5.33
N GLU B 676 13.44 16.57 -5.74
CA GLU B 676 12.69 15.45 -6.27
C GLU B 676 13.28 14.13 -5.77
N ILE B 677 12.49 13.38 -5.01
CA ILE B 677 12.94 12.09 -4.52
C ILE B 677 11.88 11.07 -4.87
N ALA B 678 12.20 9.80 -4.70
CA ALA B 678 11.29 8.76 -5.09
C ALA B 678 9.89 8.84 -4.46
N LYS B 679 9.79 9.26 -3.21
CA LYS B 679 8.49 9.30 -2.59
C LYS B 679 7.71 10.60 -2.89
N ARG B 680 8.39 11.73 -3.01
CA ARG B 680 7.66 12.98 -3.22
C ARG B 680 8.45 14.05 -3.98
N TYR B 681 7.79 15.10 -4.45
CA TYR B 681 8.55 16.16 -5.08
C TYR B 681 7.94 17.53 -4.87
N ILE B 682 8.79 18.48 -4.53
CA ILE B 682 8.36 19.85 -4.27
C ILE B 682 8.70 20.82 -5.40
N ALA B 683 7.66 21.30 -6.09
CA ALA B 683 7.84 22.23 -7.20
C ALA B 683 7.08 23.52 -6.92
N GLY B 684 7.77 24.64 -7.06
CA GLY B 684 7.11 25.91 -6.82
C GLY B 684 6.46 26.01 -5.45
N GLY B 685 7.20 25.55 -4.43
CA GLY B 685 6.71 25.61 -3.07
C GLY B 685 5.55 24.66 -2.80
N LYS B 686 5.04 23.97 -3.82
CA LYS B 686 3.91 23.06 -3.65
C LYS B 686 4.42 21.60 -3.57
N ILE B 687 3.62 20.70 -3.02
CA ILE B 687 3.97 19.29 -2.82
C ILE B 687 3.23 18.36 -3.79
N PHE B 688 3.96 17.43 -4.40
CA PHE B 688 3.38 16.47 -5.35
C PHE B 688 3.79 15.03 -5.04
N PHE B 689 2.96 14.07 -5.46
CA PHE B 689 3.24 12.66 -5.25
C PHE B 689 2.94 11.90 -6.50
N ARG B 690 3.96 11.28 -7.10
CA ARG B 690 3.75 10.50 -8.31
C ARG B 690 2.50 9.62 -8.22
N ALA B 691 1.69 9.59 -9.27
CA ALA B 691 0.49 8.76 -9.25
C ALA B 691 0.64 7.63 -10.26
N GLY B 692 1.67 6.82 -10.08
CA GLY B 692 1.89 5.75 -11.03
C GLY B 692 1.59 4.34 -10.62
N ILE B 693 0.60 4.11 -9.75
CA ILE B 693 0.28 2.77 -9.30
C ILE B 693 -0.46 2.16 -10.46
N ASN B 694 0.04 1.04 -10.98
CA ASN B 694 -0.59 0.33 -12.12
C ASN B 694 -1.84 -0.38 -11.66
N LEU B 695 -2.85 -0.42 -12.54
CA LEU B 695 -4.12 -1.05 -12.24
C LEU B 695 -4.33 -2.44 -12.82
N LEU B 696 -4.17 -2.55 -14.13
CA LEU B 696 -4.40 -3.80 -14.82
C LEU B 696 -3.24 -4.78 -14.94
N ASN B 697 -2.12 -4.47 -14.28
CA ASN B 697 -0.94 -5.33 -14.25
C ASN B 697 -0.40 -5.21 -12.85
N ASN B 698 0.05 -6.33 -12.27
CA ASN B 698 0.62 -6.36 -10.91
C ASN B 698 2.13 -6.69 -10.93
N GLU B 699 2.80 -6.43 -9.80
CA GLU B 699 4.22 -6.76 -9.70
C GLU B 699 4.34 -8.28 -9.62
N LYS B 700 3.66 -8.88 -8.64
CA LYS B 700 3.72 -10.33 -8.49
C LYS B 700 2.40 -10.99 -8.23
N ARG B 701 2.46 -12.32 -8.21
CA ARG B 701 1.29 -13.17 -7.96
C ARG B 701 1.31 -13.52 -6.49
N GLY B 702 0.27 -13.09 -5.78
CA GLY B 702 0.18 -13.38 -4.36
C GLY B 702 -0.72 -14.58 -4.14
N GLN B 703 -1.52 -14.53 -3.08
CA GLN B 703 -2.43 -15.61 -2.75
C GLN B 703 -3.78 -15.01 -2.42
N SER B 704 -4.00 -13.76 -2.83
CA SER B 704 -5.26 -13.09 -2.57
C SER B 704 -6.33 -13.56 -3.56
N THR B 705 -7.59 -13.28 -3.25
CA THR B 705 -8.68 -13.71 -4.11
C THR B 705 -9.10 -12.61 -5.09
N GLN B 706 -10.07 -12.92 -5.95
CA GLN B 706 -10.55 -11.94 -6.90
C GLN B 706 -11.19 -10.80 -6.14
N TRP B 707 -11.91 -11.13 -5.06
CA TRP B 707 -12.56 -10.09 -4.29
C TRP B 707 -11.51 -9.17 -3.67
N ASP B 708 -10.45 -9.74 -3.14
CA ASP B 708 -9.42 -8.92 -2.52
C ASP B 708 -8.78 -8.05 -3.56
N GLN B 709 -8.58 -8.65 -4.71
CA GLN B 709 -7.97 -7.97 -5.83
C GLN B 709 -8.86 -6.81 -6.30
N ALA B 710 -10.17 -7.02 -6.31
CA ALA B 710 -11.11 -5.98 -6.71
C ALA B 710 -11.03 -4.82 -5.71
N ALA B 711 -10.94 -5.13 -4.43
CA ALA B 711 -10.82 -4.10 -3.41
C ALA B 711 -9.49 -3.37 -3.56
N ILE B 712 -8.43 -4.11 -3.85
CA ILE B 712 -7.11 -3.51 -4.01
C ILE B 712 -7.09 -2.56 -5.20
N LEU B 713 -7.74 -2.95 -6.29
CA LEU B 713 -7.78 -2.12 -7.49
C LEU B 713 -8.50 -0.81 -7.16
N TYR B 714 -9.60 -0.90 -6.41
CA TYR B 714 -10.37 0.28 -6.02
C TYR B 714 -9.51 1.18 -5.14
N SER B 715 -8.75 0.56 -4.26
CA SER B 715 -7.91 1.28 -3.35
C SER B 715 -6.88 2.02 -4.19
N ASN B 716 -6.38 1.32 -5.20
CA ASN B 716 -5.37 1.86 -6.09
C ASN B 716 -5.91 3.01 -6.89
N TYR B 717 -7.15 2.87 -7.31
CA TYR B 717 -7.83 3.90 -8.07
C TYR B 717 -7.95 5.11 -7.17
N ILE B 718 -8.29 4.92 -5.91
CA ILE B 718 -8.41 6.06 -5.01
C ILE B 718 -7.05 6.74 -4.76
N VAL B 719 -5.99 5.98 -4.55
CA VAL B 719 -4.74 6.66 -4.28
C VAL B 719 -4.29 7.47 -5.51
N ASN B 720 -4.42 6.93 -6.72
CA ASN B 720 -4.02 7.66 -7.91
C ASN B 720 -4.88 8.92 -8.09
N ARG B 721 -6.17 8.80 -7.83
CA ARG B 721 -7.07 9.92 -8.04
C ARG B 721 -6.69 11.05 -7.11
N LEU B 722 -6.36 10.75 -5.86
CA LEU B 722 -5.92 11.79 -4.93
C LEU B 722 -4.57 12.34 -5.41
N ARG B 723 -3.72 11.46 -5.90
CA ARG B 723 -2.41 11.87 -6.38
C ARG B 723 -2.36 12.62 -7.72
N GLY B 724 -3.45 12.62 -8.49
CA GLY B 724 -3.47 13.36 -9.75
C GLY B 724 -3.75 12.63 -11.06
N PHE B 725 -3.96 11.32 -10.99
CA PHE B 725 -4.24 10.49 -12.17
C PHE B 725 -5.58 9.86 -11.89
N GLU B 726 -6.55 10.09 -12.75
CA GLU B 726 -7.88 9.54 -12.50
C GLU B 726 -8.34 8.59 -13.58
N THR B 727 -8.67 7.38 -13.21
CA THR B 727 -9.18 6.44 -14.18
C THR B 727 -10.68 6.53 -13.99
N ASP B 728 -11.42 6.59 -15.10
CA ASP B 728 -12.86 6.64 -15.06
C ASP B 728 -13.46 5.61 -14.06
N ARG B 729 -14.32 6.11 -13.18
CA ARG B 729 -14.98 5.35 -12.14
C ARG B 729 -15.89 4.29 -12.74
N GLU B 730 -16.55 4.62 -13.83
CA GLU B 730 -17.46 3.67 -14.44
C GLU B 730 -16.59 2.51 -14.87
N PHE B 731 -15.40 2.76 -15.40
CA PHE B 731 -14.56 1.63 -15.77
C PHE B 731 -14.18 0.80 -14.54
N ILE B 732 -13.84 1.49 -13.45
CA ILE B 732 -13.44 0.79 -12.23
C ILE B 732 -14.63 -0.01 -11.73
N LEU B 733 -15.81 0.56 -11.84
CA LEU B 733 -17.00 -0.14 -11.38
C LEU B 733 -17.24 -1.40 -12.21
N THR B 734 -17.00 -1.29 -13.51
CA THR B 734 -17.22 -2.42 -14.41
C THR B 734 -16.26 -3.55 -14.05
N LYS B 735 -15.00 -3.20 -13.74
CA LYS B 735 -14.00 -4.19 -13.40
C LYS B 735 -14.40 -4.91 -12.12
N ILE B 736 -14.95 -4.15 -11.17
CA ILE B 736 -15.41 -4.73 -9.92
C ILE B 736 -16.56 -5.72 -10.18
N MET B 737 -17.46 -5.38 -11.09
CA MET B 737 -18.56 -6.29 -11.37
C MET B 737 -18.01 -7.59 -11.93
N GLN B 738 -17.03 -7.52 -12.83
CA GLN B 738 -16.47 -8.78 -13.35
C GLN B 738 -15.70 -9.62 -12.31
N MET B 739 -14.89 -8.95 -11.52
CA MET B 739 -14.11 -9.60 -10.49
C MET B 739 -14.88 -10.22 -9.31
N THR B 740 -15.90 -9.52 -8.87
CA THR B 740 -16.69 -9.97 -7.73
C THR B 740 -17.68 -11.07 -8.09
N SER B 741 -18.00 -11.22 -9.37
CA SER B 741 -18.98 -12.26 -9.76
C SER B 741 -18.58 -13.67 -9.34
N VAL B 742 -19.59 -14.54 -9.26
CA VAL B 742 -19.36 -15.95 -8.91
C VAL B 742 -20.20 -16.87 -9.80
N ALA B 743 -19.54 -17.88 -10.35
CA ALA B 743 -20.20 -18.84 -11.23
C ALA B 743 -20.94 -19.88 -10.39
N ILE B 744 -22.16 -20.20 -10.80
CA ILE B 744 -22.93 -21.23 -10.09
C ILE B 744 -22.81 -22.48 -10.95
N THR B 745 -22.74 -22.26 -12.26
CA THR B 745 -22.60 -23.34 -13.22
C THR B 745 -21.86 -22.77 -14.41
N GLY B 746 -22.12 -23.31 -15.59
CA GLY B 746 -21.44 -22.85 -16.78
C GLY B 746 -22.28 -21.82 -17.53
N SER B 747 -23.54 -21.70 -17.13
CA SER B 747 -24.44 -20.76 -17.79
C SER B 747 -25.15 -19.88 -16.77
N LEU B 748 -24.79 -20.05 -15.50
CA LEU B 748 -25.40 -19.30 -14.43
C LEU B 748 -24.34 -18.56 -13.63
N ARG B 749 -24.30 -17.25 -13.77
CA ARG B 749 -23.33 -16.42 -13.06
C ARG B 749 -24.07 -15.46 -12.14
N LEU B 750 -23.56 -15.34 -10.91
CA LEU B 750 -24.17 -14.47 -9.90
C LEU B 750 -23.34 -13.21 -9.65
N PHE B 751 -24.00 -12.05 -9.70
CA PHE B 751 -23.34 -10.78 -9.49
C PHE B 751 -23.83 -10.11 -8.22
N PRO B 752 -22.92 -9.82 -7.29
CA PRO B 752 -23.25 -9.16 -6.02
C PRO B 752 -23.74 -7.72 -6.22
N SER B 753 -24.70 -7.29 -5.41
CA SER B 753 -25.29 -5.94 -5.50
C SER B 753 -24.43 -4.87 -4.85
N GLU B 754 -24.86 -3.63 -5.03
CA GLU B 754 -24.15 -2.47 -4.49
C GLU B 754 -24.16 -2.52 -2.98
N ARG B 755 -25.29 -2.93 -2.43
CA ARG B 755 -25.42 -3.05 -0.98
C ARG B 755 -24.47 -4.12 -0.47
N VAL B 756 -24.37 -5.24 -1.18
CA VAL B 756 -23.49 -6.30 -0.71
C VAL B 756 -22.03 -5.87 -0.75
N LEU B 757 -21.66 -5.22 -1.84
CA LEU B 757 -20.32 -4.69 -2.07
C LEU B 757 -19.78 -3.54 -1.21
N THR B 758 -20.65 -2.56 -0.90
CA THR B 758 -20.22 -1.41 -0.14
C THR B 758 -20.55 -1.33 1.34
N THR B 759 -21.63 -1.98 1.77
CA THR B 759 -21.97 -1.91 3.20
C THR B 759 -20.76 -2.31 4.05
N ASN B 760 -20.55 -1.62 5.18
CA ASN B 760 -19.39 -1.92 6.00
C ASN B 760 -19.50 -3.28 6.63
N SER B 761 -18.98 -4.28 5.95
CA SER B 761 -19.04 -5.65 6.43
C SER B 761 -17.72 -6.32 6.16
N THR B 762 -17.73 -7.65 6.19
CA THR B 762 -16.55 -8.45 5.97
C THR B 762 -16.31 -8.72 4.48
N PHE B 763 -17.28 -8.32 3.66
CA PHE B 763 -17.22 -8.50 2.22
C PHE B 763 -17.19 -7.15 1.47
N LYS B 764 -16.89 -6.06 2.20
CA LYS B 764 -16.84 -4.75 1.58
C LYS B 764 -15.69 -4.63 0.58
N VAL B 765 -15.96 -4.02 -0.57
CA VAL B 765 -14.93 -3.84 -1.58
C VAL B 765 -14.65 -2.34 -1.89
N PHE B 766 -15.67 -1.50 -1.78
CA PHE B 766 -15.49 -0.06 -2.02
C PHE B 766 -16.62 0.78 -1.43
N ASP B 767 -16.41 2.09 -1.40
CA ASP B 767 -17.41 3.01 -0.86
C ASP B 767 -18.35 3.43 -1.97
N SER B 768 -19.65 3.35 -1.73
CA SER B 768 -20.61 3.75 -2.73
C SER B 768 -20.38 5.15 -3.22
N GLU B 769 -19.59 5.93 -2.49
CA GLU B 769 -19.26 7.30 -2.88
C GLU B 769 -17.82 7.54 -2.50
N ASP B 770 -16.97 7.84 -3.48
CA ASP B 770 -15.56 8.05 -3.17
C ASP B 770 -15.28 9.06 -2.05
N PHE B 771 -14.40 8.65 -1.15
CA PHE B 771 -13.95 9.46 -0.03
C PHE B 771 -14.96 9.58 1.12
N ILE B 772 -16.07 8.88 0.98
CA ILE B 772 -17.11 8.88 2.01
C ILE B 772 -17.46 7.46 2.45
N ILE B 773 -17.07 7.11 3.68
CA ILE B 773 -17.37 5.80 4.24
C ILE B 773 -18.74 5.83 4.93
N GLU B 774 -19.67 4.99 4.47
CA GLU B 774 -21.02 4.93 5.04
C GLU B 774 -21.14 3.81 6.05
N TYR B 775 -22.13 3.94 6.92
CA TYR B 775 -22.42 2.91 7.91
C TYR B 775 -23.94 2.70 7.93
N GLY B 776 -24.37 1.47 8.13
CA GLY B 776 -25.79 1.19 8.12
C GLY B 776 -26.68 2.06 8.99
N THR B 777 -27.60 2.78 8.35
CA THR B 777 -28.54 3.60 9.11
C THR B 777 -29.98 3.19 8.79
N THR B 778 -30.14 1.94 8.31
CA THR B 778 -31.44 1.38 7.99
C THR B 778 -31.46 -0.08 8.45
N VAL B 779 -32.66 -0.62 8.67
CA VAL B 779 -32.78 -1.99 9.15
C VAL B 779 -32.30 -3.03 8.16
N ASP B 780 -32.58 -2.84 6.88
CA ASP B 780 -32.15 -3.83 5.91
C ASP B 780 -30.63 -3.88 5.91
N GLU B 781 -29.99 -2.71 5.98
CA GLU B 781 -28.53 -2.66 5.95
C GLU B 781 -28.01 -3.38 7.18
N VAL B 782 -28.67 -3.17 8.32
CA VAL B 782 -28.22 -3.82 9.52
C VAL B 782 -28.41 -5.33 9.39
N TYR B 783 -29.53 -5.74 8.80
CA TYR B 783 -29.83 -7.15 8.69
C TYR B 783 -28.79 -7.83 7.82
N ILE B 784 -28.43 -7.18 6.72
CA ILE B 784 -27.42 -7.72 5.82
C ILE B 784 -26.06 -7.77 6.46
N GLN B 785 -25.74 -6.73 7.23
CA GLN B 785 -24.43 -6.63 7.85
C GLN B 785 -24.22 -7.75 8.84
N ARG B 786 -25.25 -8.05 9.62
CA ARG B 786 -25.18 -9.13 10.60
C ARG B 786 -25.03 -10.48 9.94
N ALA B 787 -25.74 -10.70 8.84
CA ALA B 787 -25.69 -11.95 8.12
C ALA B 787 -24.30 -12.25 7.54
N PHE B 788 -23.64 -11.25 6.98
CA PHE B 788 -22.32 -11.45 6.40
C PHE B 788 -21.28 -11.86 7.44
N MET B 789 -21.36 -11.24 8.61
CA MET B 789 -20.41 -11.52 9.67
C MET B 789 -20.56 -12.98 10.09
N SER B 790 -21.81 -13.44 10.15
CA SER B 790 -22.14 -14.82 10.52
C SER B 790 -21.22 -15.85 9.87
N LEU B 791 -20.78 -15.53 8.65
CA LEU B 791 -19.89 -16.40 7.91
C LEU B 791 -18.60 -15.65 7.58
N SER B 792 -17.97 -15.10 8.62
CA SER B 792 -16.73 -14.35 8.44
C SER B 792 -15.51 -15.29 8.44
N SER B 793 -15.40 -16.13 9.45
CA SER B 793 -14.28 -17.07 9.52
C SER B 793 -14.74 -18.48 9.19
N GLN B 794 -14.11 -19.09 8.19
CA GLN B 794 -14.45 -20.45 7.76
C GLN B 794 -13.39 -21.46 8.16
N LYS B 795 -13.83 -22.68 8.44
CA LYS B 795 -12.94 -23.75 8.87
C LYS B 795 -12.05 -24.34 7.79
N SER B 796 -10.94 -24.93 8.23
CA SER B 796 -9.96 -25.55 7.34
C SER B 796 -9.41 -26.83 7.99
N GLY B 797 -9.87 -27.98 7.51
CA GLY B 797 -9.42 -29.25 8.05
C GLY B 797 -7.91 -29.35 8.12
N ILE B 798 -7.25 -29.11 6.99
CA ILE B 798 -5.80 -29.16 6.94
C ILE B 798 -5.23 -28.32 8.08
N ALA B 799 -5.89 -27.19 8.36
CA ALA B 799 -5.45 -26.28 9.41
C ALA B 799 -5.63 -26.84 10.82
N ASP B 800 -6.72 -27.58 11.02
CA ASP B 800 -7.02 -28.18 12.32
C ASP B 800 -6.01 -29.27 12.61
N GLU B 801 -5.80 -30.12 11.61
CA GLU B 801 -4.85 -31.22 11.73
C GLU B 801 -3.56 -30.69 12.34
N ILE B 802 -2.95 -29.74 11.62
CA ILE B 802 -1.69 -29.13 12.04
C ILE B 802 -1.82 -28.32 13.33
N ALA B 803 -3.04 -27.86 13.60
CA ALA B 803 -3.31 -27.10 14.81
C ALA B 803 -3.35 -28.05 15.99
N ALA B 804 -3.59 -29.33 15.69
CA ALA B 804 -3.67 -30.39 16.69
C ALA B 804 -2.36 -31.19 16.81
N SER B 805 -1.52 -31.11 15.79
CA SER B 805 -0.25 -31.84 15.78
C SER B 805 0.58 -31.52 17.02
N SER B 806 1.51 -32.42 17.35
CA SER B 806 2.37 -32.23 18.50
C SER B 806 3.30 -31.08 18.20
N THR B 807 4.17 -31.32 17.23
CA THR B 807 5.16 -30.34 16.82
C THR B 807 4.64 -28.91 16.89
N PHE B 808 3.32 -28.75 16.70
CA PHE B 808 2.69 -27.43 16.74
C PHE B 808 2.37 -26.93 18.15
N LYS B 809 1.73 -27.80 18.93
CA LYS B 809 1.31 -27.50 20.29
C LYS B 809 2.51 -27.22 21.17
N ASN B 810 3.57 -28.00 20.97
CA ASN B 810 4.79 -27.86 21.75
C ASN B 810 5.37 -26.49 21.45
N TYR B 811 5.30 -26.07 20.19
CA TYR B 811 5.86 -24.78 19.78
C TYR B 811 5.11 -23.67 20.49
N VAL B 812 3.79 -23.78 20.55
CA VAL B 812 3.00 -22.75 21.22
C VAL B 812 3.35 -22.76 22.72
N THR B 813 3.45 -23.97 23.26
CA THR B 813 3.75 -24.18 24.67
C THR B 813 5.15 -23.72 25.02
N ARG B 814 6.09 -24.02 24.14
CA ARG B 814 7.47 -23.65 24.40
C ARG B 814 7.64 -22.15 24.43
N LEU B 815 6.98 -21.47 23.48
CA LEU B 815 7.09 -20.02 23.43
C LEU B 815 6.46 -19.41 24.68
N SER B 816 5.30 -19.93 25.08
CA SER B 816 4.59 -19.41 26.25
C SER B 816 5.36 -19.57 27.56
N GLU B 817 5.98 -20.74 27.75
CA GLU B 817 6.72 -21.01 28.98
C GLU B 817 7.96 -20.15 29.13
N GLN B 818 8.43 -19.63 27.99
CA GLN B 818 9.61 -18.77 27.94
C GLN B 818 9.23 -17.32 28.17
N LEU B 819 8.03 -16.97 27.74
CA LEU B 819 7.55 -15.60 27.87
C LEU B 819 7.08 -15.24 29.27
N LEU B 820 5.93 -15.78 29.66
CA LEU B 820 5.34 -15.49 30.96
C LEU B 820 5.75 -16.39 32.14
N PHE B 821 5.44 -15.92 33.35
CA PHE B 821 5.76 -16.64 34.58
C PHE B 821 4.49 -17.26 35.14
N SER B 822 3.63 -16.44 35.73
CA SER B 822 2.37 -16.91 36.31
C SER B 822 1.44 -17.48 35.24
N LYS B 823 0.16 -17.12 35.27
CA LYS B 823 -0.74 -17.68 34.29
C LYS B 823 -1.05 -16.96 32.99
N ASN B 824 -1.16 -17.84 32.01
CA ASN B 824 -1.39 -17.70 30.59
C ASN B 824 -2.55 -17.21 29.74
N ASN B 825 -3.80 -17.49 30.09
CA ASN B 825 -4.81 -17.40 29.04
C ASN B 825 -5.20 -16.17 28.26
N ILE B 826 -5.30 -14.95 28.78
CA ILE B 826 -5.66 -13.94 27.79
C ILE B 826 -4.49 -13.93 26.78
N VAL B 827 -3.26 -13.99 27.30
CA VAL B 827 -2.05 -14.04 26.46
C VAL B 827 -1.89 -15.32 25.65
N SER B 828 -2.20 -16.45 26.30
CA SER B 828 -2.07 -17.78 25.73
C SER B 828 -3.00 -18.10 24.58
N ARG B 829 -4.25 -17.66 24.69
CA ARG B 829 -5.23 -17.93 23.64
C ARG B 829 -4.73 -17.22 22.39
N GLY B 830 -4.18 -16.01 22.59
CA GLY B 830 -3.66 -15.22 21.49
C GLY B 830 -2.48 -15.82 20.78
N ILE B 831 -1.55 -16.38 21.53
CA ILE B 831 -0.36 -16.97 20.94
C ILE B 831 -0.73 -18.16 20.06
N ALA B 832 -1.69 -18.95 20.51
CA ALA B 832 -2.12 -20.12 19.75
C ALA B 832 -2.73 -19.69 18.41
N LEU B 833 -3.54 -18.64 18.43
CA LEU B 833 -4.20 -18.16 17.23
C LEU B 833 -3.20 -17.53 16.25
N THR B 834 -2.43 -16.55 16.75
CA THR B 834 -1.43 -15.87 15.95
C THR B 834 -0.71 -16.91 15.09
N GLU B 835 -0.43 -18.07 15.70
CA GLU B 835 0.26 -19.13 15.00
C GLU B 835 -0.67 -19.90 14.09
N LYS B 836 -1.94 -20.06 14.49
CA LYS B 836 -2.90 -20.77 13.66
C LYS B 836 -3.17 -19.99 12.40
N ALA B 837 -2.84 -18.70 12.43
CA ALA B 837 -3.06 -17.81 11.29
C ALA B 837 -1.94 -17.90 10.26
N LYS B 838 -0.70 -17.87 10.74
CA LYS B 838 0.46 -17.93 9.85
C LYS B 838 0.44 -19.18 8.97
N LEU B 839 -0.60 -20.00 9.09
CA LEU B 839 -0.73 -21.20 8.27
C LEU B 839 -1.47 -20.87 7.00
N ASN B 840 -2.04 -19.67 6.96
CA ASN B 840 -2.82 -19.18 5.82
C ASN B 840 -1.96 -18.86 4.60
N SER B 841 -0.65 -18.73 4.81
CA SER B 841 0.30 -18.45 3.73
C SER B 841 0.39 -19.74 2.91
N TYR B 842 0.15 -20.86 3.60
CA TYR B 842 0.17 -22.19 2.99
C TYR B 842 -1.08 -22.36 2.12
N ALA B 843 -0.89 -22.35 0.80
CA ALA B 843 -1.98 -22.47 -0.16
C ALA B 843 -3.10 -23.45 0.18
N PRO B 844 -2.78 -24.75 0.35
CA PRO B 844 -3.85 -25.69 0.69
C PRO B 844 -4.85 -25.19 1.72
N ILE B 845 -4.38 -24.64 2.84
CA ILE B 845 -5.28 -24.11 3.88
C ILE B 845 -6.07 -22.90 3.35
N SER B 846 -5.38 -22.03 2.62
CA SER B 846 -5.94 -20.83 2.05
C SER B 846 -7.03 -21.23 1.03
N LEU B 847 -6.75 -22.26 0.23
CA LEU B 847 -7.67 -22.78 -0.79
C LEU B 847 -8.96 -23.37 -0.19
N GLU B 848 -8.84 -24.08 0.93
CA GLU B 848 -9.99 -24.65 1.60
C GLU B 848 -10.88 -23.52 2.09
N LYS B 849 -10.25 -22.46 2.60
CA LYS B 849 -11.00 -21.32 3.11
C LYS B 849 -11.80 -20.60 2.03
N ARG B 850 -11.21 -20.41 0.85
CA ARG B 850 -11.88 -19.73 -0.24
C ARG B 850 -13.09 -20.52 -0.75
N ARG B 851 -12.94 -21.83 -0.87
CA ARG B 851 -14.02 -22.66 -1.37
C ARG B 851 -15.19 -22.60 -0.41
N ALA B 852 -14.88 -22.60 0.89
CA ALA B 852 -15.89 -22.53 1.92
C ALA B 852 -16.58 -21.17 1.86
N GLN B 853 -15.81 -20.13 1.64
CA GLN B 853 -16.36 -18.79 1.56
C GLN B 853 -17.30 -18.68 0.38
N ILE B 854 -16.93 -19.25 -0.77
CA ILE B 854 -17.77 -19.18 -1.96
C ILE B 854 -19.10 -19.90 -1.80
N SER B 855 -19.10 -21.08 -1.19
CA SER B 855 -20.36 -21.80 -1.02
C SER B 855 -21.28 -21.03 -0.08
N ALA B 856 -20.70 -20.49 1.00
CA ALA B 856 -21.45 -19.74 1.99
C ALA B 856 -22.02 -18.48 1.39
N LEU B 857 -21.20 -17.83 0.58
CA LEU B 857 -21.58 -16.59 -0.11
C LEU B 857 -22.67 -16.84 -1.15
N LEU B 858 -22.59 -17.96 -1.87
CA LEU B 858 -23.57 -18.27 -2.91
C LEU B 858 -24.94 -18.50 -2.27
N THR B 859 -24.95 -19.22 -1.16
CA THR B 859 -26.18 -19.47 -0.43
C THR B 859 -26.74 -18.17 0.17
N MET B 860 -25.85 -17.34 0.70
CA MET B 860 -26.22 -16.07 1.34
C MET B 860 -26.85 -15.08 0.35
N LEU B 861 -26.29 -14.99 -0.85
CA LEU B 861 -26.83 -14.13 -1.90
C LEU B 861 -28.20 -14.65 -2.34
N GLN B 862 -28.32 -15.98 -2.43
CA GLN B 862 -29.58 -16.64 -2.81
C GLN B 862 -30.77 -16.37 -1.87
N LYS B 863 -30.53 -16.31 -0.56
CA LYS B 863 -31.59 -16.05 0.43
C LYS B 863 -31.00 -15.86 1.84
N PRO B 864 -30.57 -14.62 2.18
CA PRO B 864 -29.99 -14.33 3.49
C PRO B 864 -30.56 -15.12 4.66
N VAL B 865 -29.66 -15.71 5.44
CA VAL B 865 -29.97 -16.54 6.60
C VAL B 865 -30.34 -15.71 7.86
N THR B 866 -30.28 -16.35 9.02
CA THR B 866 -30.58 -15.72 10.30
C THR B 866 -29.25 -15.44 11.01
N PHE B 867 -29.35 -15.09 12.29
CA PHE B 867 -28.15 -14.80 13.08
C PHE B 867 -28.59 -14.26 14.45
N LYS B 868 -28.08 -14.89 15.51
CA LYS B 868 -28.38 -14.49 16.87
C LYS B 868 -27.71 -13.15 17.22
N SER B 869 -27.11 -12.52 16.22
CA SER B 869 -26.40 -11.26 16.37
C SER B 869 -25.55 -11.24 17.63
N SER B 870 -26.08 -10.60 18.67
CA SER B 870 -25.42 -10.48 19.97
C SER B 870 -23.98 -9.99 19.88
N LYS B 871 -23.56 -9.56 18.69
CA LYS B 871 -22.20 -9.05 18.48
C LYS B 871 -22.21 -7.58 18.09
N ILE B 872 -21.60 -6.74 18.91
CA ILE B 872 -21.54 -5.31 18.66
C ILE B 872 -20.36 -4.82 17.80
N THR B 873 -20.66 -3.86 16.93
CA THR B 873 -19.66 -3.30 16.03
C THR B 873 -19.71 -1.76 16.07
N ILE B 874 -18.84 -1.16 15.28
CA ILE B 874 -18.74 0.29 15.16
C ILE B 874 -20.04 0.84 14.59
N ASN B 875 -20.61 0.12 13.63
CA ASN B 875 -21.82 0.57 12.96
C ASN B 875 -22.96 0.65 13.97
N ASP B 876 -23.04 -0.31 14.87
CA ASP B 876 -24.11 -0.28 15.87
C ASP B 876 -23.98 0.92 16.81
N ILE B 877 -22.76 1.24 17.21
CA ILE B 877 -22.56 2.38 18.10
C ILE B 877 -22.99 3.66 17.40
N LEU B 878 -22.63 3.79 16.13
CA LEU B 878 -22.95 4.97 15.33
C LEU B 878 -24.44 5.12 15.11
N ARG B 879 -25.09 4.00 14.88
CA ARG B 879 -26.51 3.97 14.61
C ARG B 879 -27.26 4.51 15.83
N ASP B 880 -26.81 4.16 17.04
CA ASP B 880 -27.47 4.64 18.26
C ASP B 880 -27.36 6.15 18.40
N ILE B 881 -26.20 6.70 18.09
CA ILE B 881 -25.98 8.13 18.21
C ILE B 881 -26.72 9.01 17.20
N LYS B 882 -26.80 8.55 15.96
CA LYS B 882 -27.41 9.31 14.88
C LYS B 882 -28.67 10.12 15.18
N PRO B 883 -29.72 9.48 15.70
CA PRO B 883 -31.00 10.13 16.02
C PRO B 883 -30.99 11.29 17.04
N PHE B 884 -29.84 11.55 17.66
CA PHE B 884 -29.73 12.60 18.68
C PHE B 884 -28.95 13.82 18.27
N PHE B 885 -28.91 14.08 16.98
CA PHE B 885 -28.19 15.23 16.44
C PHE B 885 -29.08 16.06 15.54
N THR B 886 -29.01 17.38 15.68
CA THR B 886 -29.82 18.24 14.83
C THR B 886 -28.94 19.02 13.84
N VAL B 887 -29.14 18.73 12.56
CA VAL B 887 -28.37 19.38 11.50
C VAL B 887 -28.86 20.82 11.25
N SER B 888 -28.03 21.60 10.58
CA SER B 888 -28.34 23.00 10.30
C SER B 888 -27.29 23.60 9.36
N ASP B 889 -27.73 24.19 8.26
CA ASP B 889 -26.78 24.78 7.32
C ASP B 889 -25.86 25.72 8.04
N ALA B 890 -24.57 25.68 7.69
CA ALA B 890 -23.55 26.52 8.30
C ALA B 890 -22.60 26.97 7.23
N HIS B 891 -21.72 27.91 7.53
CA HIS B 891 -20.78 28.38 6.52
C HIS B 891 -19.36 28.52 7.02
N LEU B 892 -18.46 27.88 6.29
CA LEU B 892 -17.05 27.89 6.60
C LEU B 892 -16.29 28.48 5.42
N PRO B 893 -15.67 29.65 5.62
CA PRO B 893 -14.93 30.27 4.52
C PRO B 893 -13.63 29.51 4.26
N ILE B 894 -13.19 29.53 3.00
CA ILE B 894 -11.93 28.87 2.65
C ILE B 894 -10.86 29.83 3.11
N GLN B 895 -9.91 29.35 3.91
CA GLN B 895 -8.87 30.23 4.41
C GLN B 895 -7.44 29.75 4.22
N TYR B 896 -7.26 28.54 3.71
CA TYR B 896 -5.92 28.02 3.51
C TYR B 896 -5.65 27.82 2.02
N GLN B 897 -4.51 28.31 1.58
CA GLN B 897 -4.10 28.17 0.18
C GLN B 897 -3.75 26.72 -0.10
N LYS B 898 -4.01 26.28 -1.33
CA LYS B 898 -3.73 24.92 -1.72
C LYS B 898 -2.22 24.64 -1.80
N PHE B 899 -1.77 23.59 -1.12
CA PHE B 899 -0.36 23.21 -1.17
C PHE B 899 -0.19 21.86 -1.90
N MET B 900 -1.28 21.12 -2.03
CA MET B 900 -1.26 19.84 -2.73
C MET B 900 -2.20 19.97 -3.95
N PRO B 901 -1.72 20.63 -5.01
CA PRO B 901 -2.41 20.90 -6.27
C PRO B 901 -3.22 19.79 -6.93
N THR B 902 -2.78 18.54 -6.86
CA THR B 902 -3.51 17.47 -7.55
C THR B 902 -4.81 16.99 -6.92
N LEU B 903 -4.92 17.14 -5.61
CA LEU B 903 -6.14 16.70 -4.94
C LEU B 903 -7.39 17.07 -5.73
N PRO B 904 -8.34 16.13 -5.86
CA PRO B 904 -9.58 16.43 -6.57
C PRO B 904 -10.18 17.65 -5.91
N ASP B 905 -11.24 18.22 -6.48
CA ASP B 905 -11.83 19.43 -5.90
C ASP B 905 -12.61 19.28 -4.61
N ASN B 906 -13.39 18.22 -4.45
CA ASN B 906 -14.13 18.08 -3.20
C ASN B 906 -13.22 17.85 -1.98
N VAL B 907 -12.17 17.05 -2.13
CA VAL B 907 -11.23 16.82 -1.06
C VAL B 907 -10.43 18.09 -0.72
N GLN B 908 -10.04 18.82 -1.75
CA GLN B 908 -9.24 20.03 -1.62
C GLN B 908 -9.97 21.10 -0.84
N TYR B 909 -11.27 21.18 -1.09
CA TYR B 909 -12.13 22.19 -0.48
C TYR B 909 -12.16 22.00 1.04
N ILE B 910 -12.20 20.75 1.51
CA ILE B 910 -12.26 20.48 2.94
C ILE B 910 -10.97 21.03 3.56
N ILE B 911 -9.87 20.80 2.89
CA ILE B 911 -8.59 21.29 3.39
C ILE B 911 -8.53 22.82 3.46
N GLN B 912 -9.10 23.49 2.45
CA GLN B 912 -9.11 24.96 2.39
C GLN B 912 -9.91 25.53 3.54
N CYS B 913 -11.02 24.88 3.87
CA CYS B 913 -11.86 25.31 4.99
C CYS B 913 -11.38 24.91 6.39
N ILE B 914 -11.09 23.64 6.66
CA ILE B 914 -10.65 23.23 8.01
C ILE B 914 -9.15 23.00 8.22
N GLY B 915 -8.37 23.04 7.16
CA GLY B 915 -6.93 22.83 7.33
C GLY B 915 -6.43 21.40 7.16
N SER B 916 -5.16 21.18 7.50
CA SER B 916 -4.58 19.84 7.33
C SER B 916 -3.70 19.40 8.49
N ARG B 917 -3.27 18.13 8.50
CA ARG B 917 -2.40 17.67 9.59
C ARG B 917 -1.08 17.12 9.12
N THR B 918 -0.09 17.11 9.99
CA THR B 918 1.21 16.59 9.64
C THR B 918 1.58 15.38 10.50
N TYR B 919 0.58 14.68 11.03
CA TYR B 919 0.83 13.52 11.88
C TYR B 919 -0.20 12.43 11.70
N GLN B 920 0.08 11.31 12.35
CA GLN B 920 -0.80 10.16 12.32
C GLN B 920 -1.39 10.06 13.71
N ILE B 921 -2.68 9.77 13.75
CA ILE B 921 -3.38 9.63 15.00
C ILE B 921 -3.00 8.27 15.59
N GLU B 922 -2.62 8.24 16.86
CA GLU B 922 -2.23 7.00 17.55
C GLU B 922 -3.40 5.99 17.51
N ASP B 923 -3.23 4.90 16.76
CA ASP B 923 -4.31 3.91 16.62
C ASP B 923 -3.90 2.48 16.99
N ASP B 924 -2.85 2.36 17.80
CA ASP B 924 -2.36 1.07 18.24
C ASP B 924 -2.37 0.95 19.79
N GLY B 925 -2.36 2.09 20.47
CA GLY B 925 -2.37 2.11 21.92
C GLY B 925 -0.98 2.07 22.52
N SER B 926 0.02 2.19 21.67
CA SER B 926 1.40 2.16 22.11
C SER B 926 1.74 3.28 23.09
N LYS B 927 1.09 4.43 22.94
CA LYS B 927 1.35 5.57 23.80
C LYS B 927 0.69 5.52 25.18
N SER B 928 0.04 4.40 25.49
CA SER B 928 -0.61 4.21 26.77
C SER B 928 0.43 3.75 27.80
N ALA B 929 0.21 4.09 29.05
CA ALA B 929 1.15 3.73 30.12
C ALA B 929 1.25 2.22 30.30
N ILE B 930 0.13 1.51 30.21
CA ILE B 930 0.15 0.08 30.41
C ILE B 930 1.00 -0.62 29.34
N SER B 931 0.86 -0.18 28.09
CA SER B 931 1.62 -0.74 26.97
C SER B 931 3.10 -0.44 27.19
N ARG B 932 3.42 0.75 27.68
CA ARG B 932 4.80 1.12 27.96
C ARG B 932 5.36 0.25 29.09
N LEU B 933 4.53 0.00 30.10
CA LEU B 933 4.94 -0.78 31.27
C LEU B 933 5.28 -2.20 30.86
N ILE B 934 4.47 -2.77 29.97
CA ILE B 934 4.67 -4.13 29.47
C ILE B 934 6.00 -4.20 28.69
N SER B 935 6.27 -3.14 27.94
CA SER B 935 7.49 -2.99 27.13
C SER B 935 8.74 -2.96 28.01
N LYS B 936 8.66 -2.30 29.16
CA LYS B 936 9.79 -2.18 30.08
C LYS B 936 10.23 -3.52 30.63
N TYR B 937 9.27 -4.39 30.95
CA TYR B 937 9.59 -5.70 31.50
C TYR B 937 9.38 -6.91 30.57
N SER B 938 8.50 -6.80 29.58
CA SER B 938 8.25 -7.92 28.66
C SER B 938 8.64 -7.65 27.21
N VAL B 939 8.89 -8.74 26.49
CA VAL B 939 9.25 -8.68 25.07
C VAL B 939 7.93 -8.89 24.30
N TYR B 940 6.86 -9.05 25.06
CA TYR B 940 5.56 -9.25 24.46
C TYR B 940 4.99 -7.92 23.99
N LYS B 941 4.21 -8.00 22.92
CA LYS B 941 3.57 -6.86 22.30
C LYS B 941 2.08 -7.14 22.11
N PRO B 942 1.26 -6.59 23.00
CA PRO B 942 -0.19 -6.81 22.87
C PRO B 942 -0.72 -5.89 21.78
N SER B 943 -1.74 -6.33 21.06
CA SER B 943 -2.33 -5.51 20.01
C SER B 943 -3.27 -4.49 20.63
N ILE B 944 -3.80 -3.63 19.77
CA ILE B 944 -4.72 -2.61 20.24
C ILE B 944 -5.96 -3.33 20.76
N GLU B 945 -6.35 -4.40 20.06
CA GLU B 945 -7.52 -5.15 20.46
C GLU B 945 -7.38 -5.87 21.82
N GLU B 946 -6.21 -6.48 22.04
CA GLU B 946 -5.96 -7.19 23.28
C GLU B 946 -5.92 -6.20 24.44
N LEU B 947 -5.28 -5.06 24.20
CA LEU B 947 -5.14 -4.01 25.21
C LEU B 947 -6.54 -3.53 25.54
N TYR B 948 -7.38 -3.43 24.51
CA TYR B 948 -8.74 -2.95 24.71
C TYR B 948 -9.56 -3.90 25.60
N LYS B 949 -9.45 -5.21 25.40
CA LYS B 949 -10.15 -6.16 26.29
C LYS B 949 -9.59 -6.14 27.73
N VAL B 950 -8.26 -6.08 27.81
CA VAL B 950 -7.52 -6.10 29.07
C VAL B 950 -7.73 -4.90 29.98
N ILE B 951 -7.76 -3.72 29.39
CA ILE B 951 -7.90 -2.48 30.15
C ILE B 951 -9.27 -2.51 30.84
N SER B 952 -10.28 -3.01 30.12
CA SER B 952 -11.64 -3.10 30.65
C SER B 952 -11.86 -4.24 31.67
N LEU B 953 -10.81 -5.01 31.98
CA LEU B 953 -10.93 -6.10 32.95
C LEU B 953 -10.95 -5.59 34.39
N HIS B 954 -11.42 -6.43 35.31
CA HIS B 954 -11.49 -6.06 36.73
C HIS B 954 -10.11 -5.80 37.32
N GLU B 955 -10.00 -4.73 38.12
CA GLU B 955 -8.71 -4.33 38.71
C GLU B 955 -7.79 -5.50 39.09
N ASN B 956 -8.34 -6.52 39.72
CA ASN B 956 -7.54 -7.66 40.13
C ASN B 956 -6.96 -8.43 38.93
N GLU B 957 -7.77 -8.59 37.89
CA GLU B 957 -7.36 -9.33 36.69
C GLU B 957 -6.20 -8.63 35.99
N ILE B 958 -6.23 -7.30 35.94
CA ILE B 958 -5.17 -6.53 35.27
C ILE B 958 -3.84 -6.74 35.99
N GLN B 959 -3.87 -6.78 37.31
CA GLN B 959 -2.65 -6.98 38.10
C GLN B 959 -2.05 -8.36 37.81
N LEU B 960 -2.91 -9.36 37.67
CA LEU B 960 -2.47 -10.72 37.36
C LEU B 960 -1.85 -10.83 35.97
N TYR B 961 -2.48 -10.17 34.99
CA TYR B 961 -2.01 -10.19 33.61
C TYR B 961 -0.64 -9.51 33.51
N LEU B 962 -0.45 -8.39 34.20
CA LEU B 962 0.84 -7.71 34.13
C LEU B 962 1.93 -8.57 34.76
N ILE B 963 1.61 -9.18 35.90
CA ILE B 963 2.55 -10.05 36.59
C ILE B 963 2.84 -11.29 35.74
N SER B 964 1.77 -11.84 35.16
CA SER B 964 1.91 -13.02 34.32
C SER B 964 2.93 -12.78 33.22
N LEU B 965 3.15 -11.52 32.86
CA LEU B 965 4.12 -11.18 31.81
C LEU B 965 5.46 -10.74 32.33
N GLY B 966 5.70 -10.96 33.61
CA GLY B 966 6.98 -10.59 34.19
C GLY B 966 7.07 -9.20 34.77
N ILE B 967 5.93 -8.54 34.90
CA ILE B 967 5.93 -7.20 35.48
C ILE B 967 5.99 -7.37 36.99
N PRO B 968 6.93 -6.67 37.64
CA PRO B 968 7.14 -6.69 39.10
C PRO B 968 5.94 -6.18 39.89
N LYS B 969 5.78 -6.68 41.11
CA LYS B 969 4.63 -6.33 41.96
C LYS B 969 4.50 -4.89 42.41
N ILE B 970 5.59 -4.22 42.76
CA ILE B 970 5.42 -2.85 43.22
C ILE B 970 4.85 -2.05 42.05
N ASP B 971 5.40 -2.28 40.85
CA ASP B 971 4.92 -1.61 39.64
C ASP B 971 3.50 -2.00 39.20
N ALA B 972 3.18 -3.29 39.27
CA ALA B 972 1.86 -3.77 38.86
C ALA B 972 0.80 -3.23 39.80
N ASP B 973 1.12 -3.27 41.09
CA ASP B 973 0.21 -2.77 42.10
C ASP B 973 0.01 -1.27 42.00
N THR B 974 1.09 -0.53 41.76
CA THR B 974 0.97 0.93 41.70
C THR B 974 0.11 1.38 40.53
N TYR B 975 0.30 0.76 39.39
CA TYR B 975 -0.50 1.12 38.24
C TYR B 975 -2.01 0.79 38.34
N VAL B 976 -2.34 -0.40 38.86
CA VAL B 976 -3.74 -0.85 38.91
C VAL B 976 -4.70 0.03 39.69
N GLY B 977 -4.21 1.16 40.20
CA GLY B 977 -5.08 2.04 40.94
C GLY B 977 -4.95 3.44 40.41
N SER B 978 -3.71 3.90 40.31
CA SER B 978 -3.36 5.24 39.83
C SER B 978 -4.27 5.98 38.84
N LYS B 979 -3.95 7.26 38.68
CA LYS B 979 -4.63 8.20 37.79
C LYS B 979 -4.44 7.74 36.35
N ILE B 980 -3.23 7.27 36.07
CA ILE B 980 -2.85 6.83 34.74
C ILE B 980 -3.67 5.64 34.25
N TYR B 981 -3.98 4.68 35.13
CA TYR B 981 -4.76 3.52 34.69
C TYR B 981 -6.14 3.96 34.24
N SER B 982 -6.73 4.90 34.97
CA SER B 982 -8.04 5.38 34.59
C SER B 982 -7.91 6.09 33.26
N ARG B 983 -6.84 6.87 33.10
CA ARG B 983 -6.60 7.61 31.86
C ARG B 983 -6.38 6.65 30.69
N ASP B 984 -5.60 5.59 30.92
CA ASP B 984 -5.33 4.63 29.85
C ASP B 984 -6.63 4.10 29.30
N LYS B 985 -7.58 3.81 30.19
CA LYS B 985 -8.86 3.30 29.77
C LYS B 985 -9.45 4.13 28.60
N TYR B 986 -9.50 5.45 28.77
CA TYR B 986 -10.02 6.33 27.73
C TYR B 986 -9.11 6.32 26.51
N ARG B 987 -7.80 6.35 26.75
CA ARG B 987 -6.83 6.39 25.68
C ARG B 987 -6.81 5.14 24.82
N ILE B 988 -6.97 3.97 25.45
CA ILE B 988 -6.98 2.72 24.70
C ILE B 988 -8.21 2.66 23.81
N LEU B 989 -9.36 3.07 24.35
CA LEU B 989 -10.62 3.04 23.58
C LEU B 989 -10.55 4.03 22.43
N GLU B 990 -9.97 5.18 22.72
CA GLU B 990 -9.84 6.24 21.74
C GLU B 990 -8.95 5.76 20.60
N SER B 991 -7.87 5.08 20.96
CA SER B 991 -6.95 4.55 19.96
C SER B 991 -7.61 3.45 19.14
N TYR B 992 -8.36 2.59 19.81
CA TYR B 992 -9.04 1.49 19.16
C TYR B 992 -10.15 1.93 18.20
N VAL B 993 -10.89 2.96 18.63
CA VAL B 993 -11.99 3.53 17.86
C VAL B 993 -11.50 4.19 16.58
N TYR B 994 -10.39 4.92 16.68
CA TYR B 994 -9.79 5.60 15.54
C TYR B 994 -9.39 4.50 14.61
N ASN B 995 -8.89 3.42 15.19
CA ASN B 995 -8.46 2.31 14.35
C ASN B 995 -9.68 1.74 13.61
N LEU B 996 -10.82 1.59 14.26
CA LEU B 996 -11.98 1.04 13.58
C LEU B 996 -12.57 1.97 12.52
N LEU B 997 -12.22 3.25 12.58
CA LEU B 997 -12.78 4.22 11.64
C LEU B 997 -11.88 4.67 10.49
N SER B 998 -10.75 3.98 10.30
CA SER B 998 -9.83 4.31 9.21
C SER B 998 -9.50 5.81 9.17
N ILE B 999 -9.19 6.38 10.32
CA ILE B 999 -8.91 7.80 10.38
C ILE B 999 -7.53 8.13 9.84
N ASN B 1000 -6.73 7.08 9.66
CA ASN B 1000 -5.36 7.25 9.16
C ASN B 1000 -5.20 6.91 7.69
N TYR B 1001 -6.25 6.34 7.10
CA TYR B 1001 -6.24 5.94 5.69
C TYR B 1001 -7.03 6.83 4.73
N GLY B 1002 -6.94 6.47 3.46
CA GLY B 1002 -7.63 7.20 2.42
C GLY B 1002 -7.51 8.70 2.49
N CYS B 1003 -8.65 9.34 2.29
CA CYS B 1003 -8.79 10.79 2.29
C CYS B 1003 -8.73 11.45 3.68
N TYR B 1004 -9.24 10.77 4.70
CA TYR B 1004 -9.24 11.30 6.07
C TYR B 1004 -7.88 11.61 6.67
N GLN B 1005 -6.88 10.80 6.36
CA GLN B 1005 -5.54 11.03 6.91
C GLN B 1005 -5.05 12.46 6.71
N LEU B 1006 -5.58 13.11 5.67
CA LEU B 1006 -5.21 14.49 5.29
C LEU B 1006 -5.75 15.59 6.19
N PHE B 1007 -7.05 15.47 6.51
CA PHE B 1007 -7.84 16.39 7.32
C PHE B 1007 -7.40 16.57 8.78
N ASP B 1008 -7.40 17.82 9.23
CA ASP B 1008 -7.06 18.13 10.62
C ASP B 1008 -8.34 17.98 11.45
N PHE B 1009 -8.55 16.80 12.04
CA PHE B 1009 -9.74 16.57 12.83
C PHE B 1009 -9.88 17.43 14.10
N ASN B 1010 -8.86 18.22 14.41
CA ASN B 1010 -8.92 19.11 15.57
C ASN B 1010 -8.87 20.57 15.14
N SER B 1011 -9.38 20.80 13.93
CA SER B 1011 -9.44 22.14 13.38
C SER B 1011 -10.40 22.98 14.20
N PRO B 1012 -10.00 24.21 14.52
CA PRO B 1012 -10.85 25.12 15.29
C PRO B 1012 -12.08 25.38 14.43
N ASP B 1013 -11.86 25.53 13.13
CA ASP B 1013 -12.93 25.82 12.17
C ASP B 1013 -13.92 24.65 12.12
N LEU B 1014 -13.42 23.42 12.17
CA LEU B 1014 -14.25 22.20 12.19
C LEU B 1014 -15.03 22.13 13.52
N GLU B 1015 -14.33 22.51 14.59
CA GLU B 1015 -14.77 22.46 15.97
C GLU B 1015 -15.98 23.35 16.17
N LYS B 1016 -16.00 24.51 15.54
CA LYS B 1016 -17.12 25.42 15.71
C LYS B 1016 -18.37 24.72 15.20
N LEU B 1017 -18.29 24.02 14.08
CA LEU B 1017 -19.47 23.35 13.56
C LEU B 1017 -20.07 22.25 14.45
N ILE B 1018 -19.39 21.93 15.55
CA ILE B 1018 -19.90 20.88 16.43
C ILE B 1018 -20.36 21.50 17.74
N ARG B 1019 -21.66 21.42 18.01
CA ARG B 1019 -22.19 22.00 19.23
C ARG B 1019 -22.66 20.90 20.17
N ILE B 1020 -21.76 20.44 21.03
CA ILE B 1020 -22.10 19.36 21.95
C ILE B 1020 -22.12 19.70 23.44
N PRO B 1021 -23.34 19.95 23.98
CA PRO B 1021 -23.59 20.28 25.39
C PRO B 1021 -23.38 19.06 26.29
N PHE B 1022 -22.51 19.22 27.30
CA PHE B 1022 -22.20 18.14 28.25
C PHE B 1022 -23.37 17.95 29.22
N LYS B 1023 -23.91 16.73 29.27
CA LYS B 1023 -25.02 16.40 30.16
C LYS B 1023 -24.59 15.34 31.17
N GLY B 1024 -23.47 15.60 31.83
CA GLY B 1024 -22.94 14.68 32.83
C GLY B 1024 -21.43 14.81 32.93
N LYS B 1025 -20.73 14.17 31.99
CA LYS B 1025 -19.27 14.15 31.89
C LYS B 1025 -18.75 12.73 31.97
N ILE B 1026 -18.71 12.05 30.83
CA ILE B 1026 -18.23 10.67 30.75
C ILE B 1026 -17.42 10.47 29.44
N PRO B 1027 -16.11 10.78 29.49
CA PRO B 1027 -15.12 10.70 28.41
C PRO B 1027 -15.43 9.88 27.16
N ALA B 1028 -15.66 8.58 27.32
CA ALA B 1028 -15.96 7.71 26.17
C ALA B 1028 -17.09 8.27 25.31
N VAL B 1029 -18.22 8.58 25.94
CA VAL B 1029 -19.35 9.12 25.21
C VAL B 1029 -19.04 10.51 24.60
N THR B 1030 -18.33 11.35 25.32
CA THR B 1030 -18.03 12.66 24.78
C THR B 1030 -17.14 12.55 23.53
N PHE B 1031 -16.16 11.65 23.60
CA PHE B 1031 -15.27 11.49 22.45
C PHE B 1031 -15.98 10.91 21.23
N ILE B 1032 -16.82 9.92 21.41
CA ILE B 1032 -17.53 9.36 20.27
C ILE B 1032 -18.52 10.34 19.61
N LEU B 1033 -19.25 11.10 20.42
CA LEU B 1033 -20.24 12.03 19.88
C LEU B 1033 -19.58 13.11 19.05
N HIS B 1034 -18.46 13.64 19.52
CA HIS B 1034 -17.72 14.65 18.77
C HIS B 1034 -17.12 14.08 17.47
N LEU B 1035 -16.57 12.87 17.55
CA LEU B 1035 -15.97 12.22 16.39
C LEU B 1035 -17.03 11.89 15.34
N TYR B 1036 -18.17 11.39 15.81
CA TYR B 1036 -19.22 11.02 14.91
C TYR B 1036 -19.67 12.30 14.22
N ALA B 1037 -19.78 13.39 14.98
CA ALA B 1037 -20.19 14.67 14.43
C ALA B 1037 -19.16 15.20 13.41
N LYS B 1038 -17.88 15.07 13.72
CA LYS B 1038 -16.86 15.58 12.80
C LYS B 1038 -16.88 14.82 11.49
N LEU B 1039 -17.06 13.51 11.56
CA LEU B 1039 -17.13 12.71 10.33
C LEU B 1039 -18.38 13.06 9.51
N GLU B 1040 -19.51 13.22 10.18
CA GLU B 1040 -20.75 13.54 9.49
C GLU B 1040 -20.67 14.89 8.83
N VAL B 1041 -20.10 15.87 9.53
CA VAL B 1041 -19.99 17.21 8.95
C VAL B 1041 -19.05 17.21 7.74
N ILE B 1042 -17.93 16.51 7.87
CA ILE B 1042 -16.95 16.42 6.81
C ILE B 1042 -17.45 15.67 5.59
N ASN B 1043 -18.19 14.60 5.81
CA ASN B 1043 -18.72 13.83 4.71
C ASN B 1043 -19.67 14.66 3.91
N TYR B 1044 -20.49 15.45 4.59
CA TYR B 1044 -21.47 16.29 3.90
C TYR B 1044 -20.69 17.28 3.05
N ALA B 1045 -19.61 17.82 3.61
CA ALA B 1045 -18.79 18.77 2.88
C ALA B 1045 -18.15 18.11 1.64
N ILE B 1046 -17.71 16.88 1.79
CA ILE B 1046 -17.12 16.12 0.71
C ILE B 1046 -18.14 15.87 -0.41
N LYS B 1047 -19.38 15.57 -0.05
CA LYS B 1047 -20.39 15.36 -1.07
C LYS B 1047 -21.12 16.61 -1.56
N ASN B 1048 -21.30 17.61 -0.71
CA ASN B 1048 -22.07 18.82 -1.08
C ASN B 1048 -21.35 20.15 -1.34
N GLY B 1049 -20.12 20.30 -0.89
CA GLY B 1049 -19.43 21.55 -1.18
C GLY B 1049 -19.74 22.67 -0.21
N SER B 1050 -20.73 22.42 0.63
CA SER B 1050 -21.14 23.38 1.64
C SER B 1050 -21.07 22.68 2.99
N TRP B 1051 -21.25 23.44 4.06
CA TRP B 1051 -21.17 22.86 5.40
C TRP B 1051 -22.46 22.84 6.18
N ILE B 1052 -22.44 22.11 7.29
CA ILE B 1052 -23.57 22.00 8.21
C ILE B 1052 -23.04 22.02 9.62
N SER B 1053 -23.86 22.53 10.54
CA SER B 1053 -23.49 22.60 11.93
C SER B 1053 -24.25 21.51 12.64
N LEU B 1054 -23.60 20.82 13.56
CA LEU B 1054 -24.28 19.76 14.28
C LEU B 1054 -24.55 20.05 15.77
N PHE B 1055 -25.82 19.88 16.16
CA PHE B 1055 -26.24 20.09 17.55
C PHE B 1055 -26.57 18.74 18.18
N CYS B 1056 -26.10 18.55 19.40
CA CYS B 1056 -26.35 17.30 20.09
C CYS B 1056 -27.18 17.40 21.35
N ASN B 1057 -28.26 16.63 21.37
CA ASN B 1057 -29.19 16.55 22.51
C ASN B 1057 -29.32 15.08 22.95
N TYR B 1058 -28.19 14.50 23.32
CA TYR B 1058 -28.12 13.10 23.75
C TYR B 1058 -28.42 13.07 25.24
N PRO B 1059 -29.44 12.27 25.64
CA PRO B 1059 -29.90 12.08 27.02
C PRO B 1059 -28.79 11.63 27.97
N LYS B 1060 -29.00 11.74 29.28
CA LYS B 1060 -28.00 11.31 30.26
C LYS B 1060 -28.19 9.83 30.55
N SER B 1061 -29.44 9.41 30.51
CA SER B 1061 -29.83 8.02 30.74
C SER B 1061 -29.26 7.17 29.62
N GLU B 1062 -29.31 7.73 28.43
CA GLU B 1062 -28.81 7.12 27.21
C GLU B 1062 -27.30 6.87 27.21
N MET B 1063 -26.54 7.82 27.76
CA MET B 1063 -25.09 7.77 27.76
C MET B 1063 -24.60 6.56 28.56
N ILE B 1064 -25.24 6.26 29.67
CA ILE B 1064 -24.80 5.11 30.43
C ILE B 1064 -24.99 3.83 29.58
N LYS B 1065 -26.09 3.74 28.84
CA LYS B 1065 -26.36 2.55 28.00
C LYS B 1065 -25.30 2.42 26.91
N LEU B 1066 -24.96 3.55 26.30
CA LEU B 1066 -23.96 3.67 25.24
C LEU B 1066 -22.56 3.31 25.71
N TRP B 1067 -22.21 3.72 26.92
CA TRP B 1067 -20.88 3.51 27.48
C TRP B 1067 -20.62 2.01 27.63
N LYS B 1068 -21.63 1.26 28.04
CA LYS B 1068 -21.51 -0.20 28.17
C LYS B 1068 -21.27 -0.82 26.80
N LYS B 1069 -21.95 -0.29 25.80
CA LYS B 1069 -21.90 -0.76 24.41
C LYS B 1069 -20.50 -0.57 23.84
N MET B 1070 -19.88 0.54 24.18
CA MET B 1070 -18.58 0.91 23.65
C MET B 1070 -17.51 -0.08 24.05
N TRP B 1071 -17.52 -0.58 25.27
CA TRP B 1071 -16.48 -1.55 25.69
C TRP B 1071 -16.70 -3.00 25.20
N ASN B 1072 -17.49 -3.17 24.15
CA ASN B 1072 -17.75 -4.49 23.60
C ASN B 1072 -17.87 -4.47 22.07
N ILE B 1073 -17.05 -3.63 21.44
CA ILE B 1073 -17.07 -3.53 19.99
C ILE B 1073 -16.15 -4.57 19.36
N THR B 1074 -16.66 -5.20 18.31
CA THR B 1074 -15.90 -6.22 17.59
C THR B 1074 -15.32 -5.54 16.34
N SER B 1075 -14.15 -5.98 15.92
CA SER B 1075 -13.52 -5.42 14.73
C SER B 1075 -14.03 -6.15 13.50
N LEU B 1076 -14.03 -5.46 12.36
CA LEU B 1076 -14.49 -6.06 11.11
C LEU B 1076 -13.32 -6.29 10.19
N ARG B 1077 -13.34 -7.44 9.53
CA ARG B 1077 -12.30 -7.82 8.59
C ARG B 1077 -12.94 -7.90 7.21
N SER B 1078 -12.28 -7.30 6.21
CA SER B 1078 -12.81 -7.33 4.84
C SER B 1078 -11.77 -6.88 3.82
N PRO B 1079 -11.98 -7.22 2.53
CA PRO B 1079 -11.08 -6.86 1.42
C PRO B 1079 -10.80 -5.36 1.40
N TYR B 1080 -11.81 -4.55 1.73
CA TYR B 1080 -11.67 -3.10 1.77
C TYR B 1080 -10.65 -2.74 2.87
N THR B 1081 -10.75 -3.42 4.01
CA THR B 1081 -9.88 -3.26 5.19
C THR B 1081 -8.46 -3.69 4.92
N ASN B 1082 -8.35 -4.82 4.23
CA ASN B 1082 -7.10 -5.44 3.85
C ASN B 1082 -6.39 -4.52 2.86
N ALA B 1083 -7.18 -3.92 1.97
CA ALA B 1083 -6.64 -3.05 0.93
C ALA B 1083 -5.96 -1.81 1.52
N ASN B 1084 -6.51 -1.21 2.57
CA ASN B 1084 -5.85 -0.06 3.21
C ASN B 1084 -4.54 -0.49 3.86
N PHE B 1085 -4.56 -1.66 4.49
CA PHE B 1085 -3.41 -2.27 5.18
C PHE B 1085 -2.34 -2.57 4.15
N PHE B 1086 -2.81 -3.03 3.00
CA PHE B 1086 -2.02 -3.42 1.84
C PHE B 1086 -1.25 -2.21 1.29
N GLN B 1087 -1.87 -1.03 1.29
CA GLN B 1087 -1.23 0.15 0.71
C GLN B 1087 0.05 0.53 1.43
N GLU B 1088 0.09 0.47 2.75
CA GLU B 1088 1.34 0.80 3.42
C GLU B 1088 1.42 0.23 4.83
#